data_2H8L
#
_entry.id   2H8L
#
_cell.length_a   76.340
_cell.length_b   62.415
_cell.length_c   99.293
_cell.angle_alpha   90.00
_cell.angle_beta   98.40
_cell.angle_gamma   90.00
#
_symmetry.space_group_name_H-M   'P 1 21 1'
#
loop_
_entity.id
_entity.type
_entity.pdbx_description
1 polymer 'Protein disulfide-isomerase A3'
2 water water
#
_entity_poly.entity_id   1
_entity_poly.type   'polypeptide(L)'
_entity_poly.pdbx_seq_one_letter_code
;GPLGSPASVPLRTEEEFKKFISDKDASIVGFFDDSFSEAHSEFLKAASNLRDNYRFAHTNVESLVNEYDDNGEGIILFRP
SHLTNKFEDKTVAYTEQK(MSE)TSGKIKKFIQENIFGICPH(MSE)TEDNKDLIQGKDLLIAYYDVDYEKNAKGSNYWR
NRV(MSE)(MSE)VAKKFLDAGHKLNFAVASRKTFSHELSDFGLESTAGEIPVVAIRTAKGEKFV(MSE)QEEFSRDGKA
LERFLQDYFDGNLKRYLKSEPIPESNDGAAAS
;
_entity_poly.pdbx_strand_id   A,B,C
#
# COMPACT_ATOMS: atom_id res chain seq x y z
N PRO A 6 -26.95 -10.88 -14.35
CA PRO A 6 -27.36 -9.90 -13.35
C PRO A 6 -26.50 -8.65 -13.49
N ALA A 7 -26.40 -8.11 -14.71
CA ALA A 7 -25.63 -6.85 -14.90
C ALA A 7 -26.27 -5.71 -14.05
N SER A 8 -27.60 -5.77 -13.90
CA SER A 8 -28.28 -4.88 -12.96
C SER A 8 -28.97 -5.68 -11.83
N VAL A 9 -28.76 -5.29 -10.56
CA VAL A 9 -29.30 -6.01 -9.38
C VAL A 9 -30.73 -5.56 -9.15
N PRO A 10 -31.72 -6.53 -9.13
CA PRO A 10 -33.06 -6.08 -8.72
C PRO A 10 -33.11 -5.79 -7.22
N LEU A 11 -33.67 -4.65 -6.86
CA LEU A 11 -33.85 -4.25 -5.46
C LEU A 11 -35.31 -4.32 -5.10
N ARG A 12 -35.65 -5.30 -4.25
CA ARG A 12 -37.04 -5.63 -4.03
C ARG A 12 -37.62 -5.10 -2.69
N THR A 13 -36.84 -4.26 -1.99
CA THR A 13 -37.13 -3.83 -0.66
C THR A 13 -36.34 -2.48 -0.45
N GLU A 14 -36.82 -1.57 0.41
CA GLU A 14 -36.04 -0.39 0.84
C GLU A 14 -34.76 -0.72 1.60
N GLU A 15 -34.77 -1.77 2.42
CA GLU A 15 -33.52 -2.28 3.06
C GLU A 15 -32.44 -2.61 1.99
N GLU A 16 -32.84 -3.40 0.98
CA GLU A 16 -31.94 -3.73 -0.14
C GLU A 16 -31.45 -2.52 -0.90
N PHE A 17 -32.33 -1.55 -1.17
CA PHE A 17 -31.92 -0.35 -1.87
C PHE A 17 -30.92 0.46 -1.02
N LYS A 18 -31.25 0.70 0.26
CA LYS A 18 -30.33 1.44 1.18
C LYS A 18 -29.01 0.70 1.34
N LYS A 19 -29.06 -0.62 1.48
CA LYS A 19 -27.84 -1.42 1.50
C LYS A 19 -27.02 -1.19 0.23
N PHE A 20 -27.67 -1.27 -0.94
CA PHE A 20 -26.96 -1.05 -2.21
C PHE A 20 -26.24 0.33 -2.30
N ILE A 21 -26.92 1.38 -1.87
CA ILE A 21 -26.39 2.74 -2.08
C ILE A 21 -25.34 3.13 -1.05
N SER A 22 -25.17 2.30 -0.03
CA SER A 22 -24.22 2.62 1.04
C SER A 22 -22.76 2.18 0.75
N ASP A 23 -22.53 1.65 -0.43
CA ASP A 23 -21.23 1.26 -0.90
C ASP A 23 -20.18 2.40 -0.96
N LYS A 24 -18.91 2.03 -1.02
CA LYS A 24 -17.84 3.01 -1.19
C LYS A 24 -17.75 3.50 -2.62
N ASP A 25 -18.38 2.76 -3.56
CA ASP A 25 -18.46 3.21 -4.97
C ASP A 25 -19.84 3.75 -5.24
N ALA A 26 -19.99 4.55 -6.27
CA ALA A 26 -21.25 5.13 -6.63
C ALA A 26 -22.23 4.02 -7.05
N SER A 27 -23.53 4.36 -6.99
CA SER A 27 -24.65 3.50 -7.48
C SER A 27 -25.42 4.18 -8.61
N ILE A 28 -25.80 3.41 -9.63
CA ILE A 28 -26.65 3.85 -10.70
C ILE A 28 -27.91 3.00 -10.50
N VAL A 29 -29.00 3.66 -10.03
CA VAL A 29 -30.24 2.96 -9.74
C VAL A 29 -31.33 3.41 -10.73
N GLY A 30 -31.90 2.44 -11.48
CA GLY A 30 -33.09 2.62 -12.35
C GLY A 30 -34.39 2.44 -11.55
N PHE A 31 -35.39 3.28 -11.80
CA PHE A 31 -36.70 3.26 -11.10
C PHE A 31 -37.81 3.15 -12.15
N PHE A 32 -38.42 1.96 -12.24
CA PHE A 32 -39.40 1.64 -13.28
C PHE A 32 -40.61 0.95 -12.66
N ASP A 33 -41.83 1.50 -12.70
CA ASP A 33 -42.95 0.56 -12.42
C ASP A 33 -43.16 -0.51 -13.49
N ASP A 34 -42.65 -0.27 -14.70
CA ASP A 34 -42.77 -1.24 -15.79
C ASP A 34 -41.42 -1.90 -16.08
N SER A 35 -41.29 -3.14 -15.61
CA SER A 35 -40.07 -3.97 -15.88
C SER A 35 -39.88 -4.45 -17.34
N PHE A 36 -40.91 -4.27 -18.17
CA PHE A 36 -40.78 -4.54 -19.60
C PHE A 36 -40.90 -3.31 -20.50
N SER A 37 -40.79 -2.12 -19.96
CA SER A 37 -40.85 -0.94 -20.80
C SER A 37 -39.67 -0.89 -21.79
N GLU A 38 -39.77 -0.02 -22.79
CA GLU A 38 -38.66 0.18 -23.69
C GLU A 38 -37.51 0.74 -22.89
N ALA A 39 -37.78 1.71 -22.04
CA ALA A 39 -36.75 2.36 -21.25
C ALA A 39 -36.08 1.40 -20.26
N HIS A 40 -36.81 0.46 -19.70
CA HIS A 40 -36.19 -0.51 -18.82
C HIS A 40 -35.22 -1.42 -19.59
N SER A 41 -35.65 -1.88 -20.77
CA SER A 41 -34.78 -2.53 -21.77
C SER A 41 -33.43 -1.79 -22.06
N GLU A 42 -33.51 -0.48 -22.35
CA GLU A 42 -32.32 0.35 -22.62
C GLU A 42 -31.45 0.53 -21.38
N PHE A 43 -32.07 0.70 -20.22
CA PHE A 43 -31.35 0.62 -18.97
C PHE A 43 -30.52 -0.64 -18.89
N LEU A 44 -31.15 -1.81 -19.06
CA LEU A 44 -30.43 -3.06 -18.92
C LEU A 44 -29.29 -3.22 -19.98
N LYS A 45 -29.45 -2.61 -21.15
CA LYS A 45 -28.43 -2.66 -22.20
C LYS A 45 -27.21 -1.87 -21.75
N ALA A 46 -27.43 -0.72 -21.11
CA ALA A 46 -26.33 0.09 -20.61
C ALA A 46 -25.65 -0.65 -19.45
N ALA A 47 -26.43 -1.16 -18.49
CA ALA A 47 -25.91 -1.99 -17.40
C ALA A 47 -25.03 -3.12 -17.92
N SER A 48 -25.53 -3.78 -18.97
CA SER A 48 -24.73 -4.85 -19.63
C SER A 48 -23.44 -4.33 -20.26
N ASN A 49 -23.48 -3.24 -21.05
CA ASN A 49 -22.28 -2.61 -21.66
C ASN A 49 -21.26 -2.10 -20.64
N LEU A 50 -21.70 -1.72 -19.45
CA LEU A 50 -20.79 -1.04 -18.52
C LEU A 50 -20.69 -1.80 -17.20
N ARG A 51 -21.03 -3.09 -17.20
CA ARG A 51 -21.26 -3.86 -15.95
C ARG A 51 -20.03 -3.92 -15.03
N ASP A 52 -18.85 -3.94 -15.63
CA ASP A 52 -17.60 -3.91 -14.83
C ASP A 52 -17.12 -2.55 -14.44
N ASN A 53 -17.65 -1.49 -15.06
CA ASN A 53 -17.19 -0.12 -14.86
C ASN A 53 -17.92 0.56 -13.75
N TYR A 54 -19.22 0.31 -13.66
CA TYR A 54 -20.07 0.88 -12.60
C TYR A 54 -21.01 -0.12 -11.96
N ARG A 55 -21.63 0.26 -10.84
CA ARG A 55 -22.57 -0.67 -10.14
C ARG A 55 -24.01 -0.29 -10.48
N PHE A 56 -24.70 -1.16 -11.22
CA PHE A 56 -26.09 -0.88 -11.68
C PHE A 56 -27.07 -1.64 -10.80
N ALA A 57 -28.18 -1.01 -10.45
CA ALA A 57 -29.31 -1.71 -9.85
C ALA A 57 -30.60 -1.10 -10.40
N HIS A 58 -31.71 -1.82 -10.22
CA HIS A 58 -33.02 -1.21 -10.52
C HIS A 58 -34.11 -1.64 -9.53
N THR A 59 -35.23 -0.91 -9.49
CA THR A 59 -36.31 -1.30 -8.62
C THR A 59 -37.67 -0.92 -9.23
N ASN A 60 -38.68 -1.69 -8.84
CA ASN A 60 -40.06 -1.38 -9.14
C ASN A 60 -40.87 -1.20 -7.86
N VAL A 61 -40.19 -1.06 -6.70
CA VAL A 61 -40.85 -0.90 -5.39
C VAL A 61 -41.53 0.47 -5.40
N GLU A 62 -42.86 0.49 -5.36
CA GLU A 62 -43.66 1.70 -5.47
C GLU A 62 -43.12 2.89 -4.61
N SER A 63 -42.88 2.66 -3.32
CA SER A 63 -42.46 3.73 -2.42
C SER A 63 -41.18 4.39 -2.91
N LEU A 64 -40.28 3.57 -3.49
CA LEU A 64 -39.00 4.02 -4.01
C LEU A 64 -39.11 4.69 -5.38
N VAL A 65 -39.85 4.09 -6.32
CA VAL A 65 -40.00 4.73 -7.64
C VAL A 65 -40.70 6.10 -7.45
N ASN A 66 -41.73 6.14 -6.62
CA ASN A 66 -42.45 7.41 -6.40
C ASN A 66 -41.61 8.47 -5.71
N GLU A 67 -40.73 8.03 -4.83
CA GLU A 67 -39.88 9.02 -4.18
C GLU A 67 -38.93 9.78 -5.17
N TYR A 68 -38.37 9.01 -6.10
CA TYR A 68 -37.26 9.44 -6.95
C TYR A 68 -37.63 9.91 -8.37
N ASP A 69 -38.84 9.54 -8.78
CA ASP A 69 -39.30 9.85 -10.10
C ASP A 69 -40.79 10.16 -10.09
N ASP A 70 -41.26 11.05 -10.97
CA ASP A 70 -42.66 11.31 -11.05
C ASP A 70 -43.43 10.65 -12.19
N ASN A 71 -42.74 9.92 -13.06
CA ASN A 71 -43.44 9.29 -14.17
C ASN A 71 -43.16 7.79 -14.24
N GLY A 72 -42.71 7.20 -13.13
CA GLY A 72 -42.46 5.78 -13.18
C GLY A 72 -41.32 5.30 -14.06
N GLU A 73 -40.34 6.18 -14.33
CA GLU A 73 -39.29 5.89 -15.27
C GLU A 73 -38.12 6.87 -15.07
N GLY A 74 -37.15 6.50 -14.24
CA GLY A 74 -36.04 7.42 -13.95
C GLY A 74 -34.81 6.67 -13.55
N ILE A 75 -33.71 7.38 -13.48
CA ILE A 75 -32.41 6.84 -13.06
C ILE A 75 -31.77 7.89 -12.16
N ILE A 76 -31.28 7.48 -10.98
CA ILE A 76 -30.58 8.39 -10.11
C ILE A 76 -29.18 7.83 -9.95
N LEU A 77 -28.17 8.71 -10.09
CA LEU A 77 -26.81 8.37 -9.64
C LEU A 77 -26.70 8.75 -8.19
N PHE A 78 -26.14 7.85 -7.40
CA PHE A 78 -25.88 8.14 -5.98
C PHE A 78 -24.41 8.03 -5.79
N ARG A 79 -23.85 9.18 -5.45
CA ARG A 79 -22.42 9.25 -5.13
C ARG A 79 -22.14 8.68 -3.76
N PRO A 80 -20.87 8.20 -3.51
CA PRO A 80 -20.62 7.57 -2.21
C PRO A 80 -20.95 8.47 -1.01
N SER A 81 -21.69 7.95 -0.03
CA SER A 81 -22.00 8.85 1.11
C SER A 81 -20.79 9.39 1.83
N HIS A 82 -19.66 8.67 1.88
CA HIS A 82 -18.49 9.22 2.57
C HIS A 82 -17.85 10.39 1.81
N LEU A 83 -18.22 10.58 0.56
CA LEU A 83 -17.59 11.63 -0.30
C LEU A 83 -18.51 12.86 -0.35
N THR A 84 -19.62 12.85 0.39
CA THR A 84 -20.50 14.00 0.34
C THR A 84 -19.76 15.27 0.76
N ASN A 85 -20.11 16.40 0.14
CA ASN A 85 -19.32 17.61 0.29
C ASN A 85 -20.23 18.81 -0.04
N LYS A 86 -19.76 20.02 0.28
CA LYS A 86 -20.51 21.23 0.12
C LYS A 86 -20.57 21.76 -1.36
N PHE A 87 -19.87 21.11 -2.29
CA PHE A 87 -19.70 21.65 -3.68
C PHE A 87 -20.62 21.01 -4.74
N GLU A 88 -21.30 19.93 -4.36
CA GLU A 88 -22.16 19.15 -5.29
C GLU A 88 -23.06 18.35 -4.40
N ASP A 89 -24.06 17.64 -4.95
CA ASP A 89 -25.01 16.90 -4.13
C ASP A 89 -24.70 15.46 -4.25
N LYS A 90 -25.24 14.68 -3.37
CA LYS A 90 -25.09 13.16 -3.41
C LYS A 90 -25.82 12.50 -4.61
N THR A 91 -26.96 13.07 -5.04
CA THR A 91 -27.75 12.47 -6.14
C THR A 91 -27.72 13.30 -7.44
N VAL A 92 -27.79 12.62 -8.59
CA VAL A 92 -27.96 13.30 -9.85
C VAL A 92 -29.01 12.45 -10.57
N ALA A 93 -30.14 13.05 -10.90
CA ALA A 93 -31.22 12.37 -11.65
C ALA A 93 -30.92 12.56 -13.13
N TYR A 94 -31.22 11.50 -13.89
CA TYR A 94 -31.25 11.55 -15.33
C TYR A 94 -32.42 12.50 -15.73
N THR A 95 -32.08 13.48 -16.57
CA THR A 95 -32.90 14.67 -16.82
C THR A 95 -33.55 14.68 -18.18
N GLU A 96 -32.96 13.96 -19.12
CA GLU A 96 -33.58 13.75 -20.44
C GLU A 96 -34.94 13.09 -20.34
N GLN A 97 -35.77 13.39 -21.34
CA GLN A 97 -37.08 12.78 -21.47
C GLN A 97 -36.97 11.32 -21.94
N LYS A 98 -36.16 11.11 -22.99
CA LYS A 98 -35.94 9.78 -23.59
C LYS A 98 -34.70 9.12 -23.01
N MSE A 99 -34.85 7.83 -22.68
CA MSE A 99 -33.81 6.94 -22.20
C MSE A 99 -33.33 5.97 -23.27
O MSE A 99 -34.10 5.10 -23.72
CB MSE A 99 -34.38 6.09 -21.10
CG MSE A 99 -34.40 6.70 -19.75
SE MSE A 99 -34.59 5.24 -18.45
CE MSE A 99 -33.47 3.84 -19.22
N THR A 100 -32.06 6.09 -23.67
CA THR A 100 -31.39 5.10 -24.53
C THR A 100 -30.11 4.66 -23.81
N SER A 101 -29.52 3.53 -24.20
CA SER A 101 -28.29 3.08 -23.55
C SER A 101 -27.17 4.03 -23.81
N GLY A 102 -27.16 4.63 -25.00
CA GLY A 102 -26.09 5.54 -25.43
C GLY A 102 -26.16 6.78 -24.55
N LYS A 103 -27.38 7.27 -24.34
CA LYS A 103 -27.63 8.47 -23.51
C LYS A 103 -27.41 8.22 -22.06
N ILE A 104 -27.93 7.10 -21.54
CA ILE A 104 -27.50 6.63 -20.18
C ILE A 104 -25.96 6.51 -20.03
N LYS A 105 -25.29 5.98 -21.05
CA LYS A 105 -23.80 5.92 -20.98
C LYS A 105 -23.22 7.32 -20.87
N LYS A 106 -23.59 8.25 -21.77
CA LYS A 106 -23.10 9.65 -21.66
C LYS A 106 -23.38 10.27 -20.28
N PHE A 107 -24.60 10.10 -19.77
CA PHE A 107 -25.02 10.68 -18.49
C PHE A 107 -24.08 10.22 -17.35
N ILE A 108 -23.87 8.91 -17.25
CA ILE A 108 -23.04 8.36 -16.17
C ILE A 108 -21.59 8.93 -16.28
N GLN A 109 -21.01 8.92 -17.47
CA GLN A 109 -19.66 9.48 -17.64
C GLN A 109 -19.54 11.00 -17.32
N GLU A 110 -20.56 11.78 -17.67
CA GLU A 110 -20.48 13.19 -17.45
C GLU A 110 -20.72 13.49 -15.99
N ASN A 111 -21.35 12.57 -15.29
CA ASN A 111 -21.83 12.90 -13.93
C ASN A 111 -21.40 12.07 -12.74
N ILE A 112 -20.97 10.85 -12.93
CA ILE A 112 -20.91 10.01 -11.72
C ILE A 112 -19.84 10.44 -10.72
N PHE A 113 -18.73 10.96 -11.25
CA PHE A 113 -17.51 11.23 -10.41
C PHE A 113 -17.57 12.57 -9.64
N GLY A 114 -18.30 13.52 -10.25
CA GLY A 114 -18.40 14.85 -9.75
C GLY A 114 -17.07 15.55 -9.97
N ILE A 115 -16.92 16.71 -9.34
CA ILE A 115 -15.78 17.61 -9.41
C ILE A 115 -14.42 16.98 -9.08
N CYS A 116 -14.36 16.13 -8.06
CA CYS A 116 -13.07 15.64 -7.56
C CYS A 116 -13.22 14.26 -6.91
N PRO A 117 -13.38 13.20 -7.73
CA PRO A 117 -13.47 11.87 -7.22
C PRO A 117 -12.22 11.45 -6.48
N HIS A 118 -12.39 10.46 -5.61
CA HIS A 118 -11.29 9.68 -5.06
C HIS A 118 -10.86 8.60 -6.05
N MSE A 119 -9.73 8.82 -6.72
CA MSE A 119 -9.19 7.82 -7.66
C MSE A 119 -8.57 6.62 -6.91
O MSE A 119 -7.74 6.77 -5.96
CB MSE A 119 -8.14 8.41 -8.60
CG MSE A 119 -7.63 7.41 -9.61
SE MSE A 119 -6.28 8.43 -10.66
CE MSE A 119 -4.68 7.94 -9.55
N THR A 120 -9.00 5.42 -7.34
CA THR A 120 -8.70 4.17 -6.65
C THR A 120 -8.19 3.25 -7.72
N GLU A 121 -7.67 2.08 -7.32
CA GLU A 121 -7.18 1.18 -8.32
C GLU A 121 -8.29 0.73 -9.26
N ASP A 122 -9.46 0.50 -8.67
CA ASP A 122 -10.65 0.08 -9.45
C ASP A 122 -11.13 1.11 -10.53
N ASN A 123 -11.16 2.39 -10.22
CA ASN A 123 -11.75 3.42 -11.16
C ASN A 123 -10.68 4.22 -11.93
N LYS A 124 -9.42 3.93 -11.66
CA LYS A 124 -8.35 4.81 -12.18
C LYS A 124 -8.36 5.01 -13.70
N ASP A 125 -8.67 3.96 -14.46
CA ASP A 125 -8.68 4.05 -15.92
C ASP A 125 -9.88 4.83 -16.44
N LEU A 126 -10.91 4.97 -15.61
CA LEU A 126 -12.06 5.77 -16.00
C LEU A 126 -11.78 7.26 -15.65
N ILE A 127 -10.99 7.52 -14.62
CA ILE A 127 -10.57 8.89 -14.28
C ILE A 127 -9.47 9.47 -15.18
N GLN A 128 -8.56 8.61 -15.63
CA GLN A 128 -7.35 9.01 -16.33
C GLN A 128 -7.65 9.02 -17.79
N GLY A 129 -6.82 9.70 -18.57
CA GLY A 129 -7.04 9.78 -19.98
C GLY A 129 -7.37 11.17 -20.48
N LYS A 130 -7.94 12.05 -19.69
CA LYS A 130 -8.23 13.41 -20.19
C LYS A 130 -7.31 14.25 -19.35
N ASP A 131 -7.17 15.53 -19.68
CA ASP A 131 -6.28 16.38 -18.90
C ASP A 131 -6.74 16.25 -17.48
N LEU A 132 -5.78 16.01 -16.58
CA LEU A 132 -6.10 15.57 -15.20
C LEU A 132 -5.11 16.06 -14.17
N LEU A 133 -5.58 16.69 -13.09
CA LEU A 133 -4.74 17.08 -11.98
C LEU A 133 -5.03 16.05 -10.91
N ILE A 134 -3.98 15.50 -10.32
CA ILE A 134 -4.18 14.65 -9.14
C ILE A 134 -3.46 15.28 -7.94
N ALA A 135 -4.09 15.27 -6.76
CA ALA A 135 -3.52 15.63 -5.45
C ALA A 135 -3.32 14.34 -4.71
N TYR A 136 -2.07 14.01 -4.44
CA TYR A 136 -1.66 12.73 -3.83
C TYR A 136 -1.31 12.94 -2.36
N TYR A 137 -1.92 12.15 -1.46
CA TYR A 137 -1.61 12.32 -0.05
C TYR A 137 -2.14 11.08 0.65
N ASP A 138 -2.34 11.19 1.95
CA ASP A 138 -2.75 10.03 2.72
C ASP A 138 -4.27 9.79 2.70
N VAL A 139 -4.81 9.63 1.51
CA VAL A 139 -6.21 9.21 1.25
C VAL A 139 -6.53 7.80 1.72
N ASP A 140 -7.48 7.70 2.63
CA ASP A 140 -7.80 6.45 3.22
C ASP A 140 -9.06 6.63 4.06
N TYR A 141 -10.19 6.16 3.56
CA TYR A 141 -11.44 6.44 4.21
C TYR A 141 -11.76 5.37 5.22
N GLU A 142 -10.91 4.37 5.34
CA GLU A 142 -11.07 3.38 6.40
C GLU A 142 -10.41 3.84 7.68
N LYS A 143 -9.17 4.30 7.63
CA LYS A 143 -8.46 4.78 8.84
C LYS A 143 -8.31 6.32 8.88
N ASN A 144 -8.55 7.04 7.77
CA ASN A 144 -8.26 8.48 7.79
C ASN A 144 -9.33 9.29 7.06
N ALA A 145 -10.58 9.05 7.39
CA ALA A 145 -11.75 9.77 6.75
C ALA A 145 -11.56 11.30 6.93
N LYS A 146 -11.18 11.69 8.15
CA LYS A 146 -11.00 13.07 8.61
C LYS A 146 -9.97 13.88 7.82
N GLY A 147 -8.78 13.30 7.61
CA GLY A 147 -7.68 13.91 6.92
C GLY A 147 -7.93 13.77 5.45
N SER A 148 -8.54 12.64 5.01
CA SER A 148 -8.98 12.50 3.63
C SER A 148 -9.86 13.66 3.20
N ASN A 149 -10.91 13.96 3.95
CA ASN A 149 -11.86 15.03 3.63
C ASN A 149 -11.23 16.41 3.74
N TYR A 150 -10.39 16.57 4.74
CA TYR A 150 -9.76 17.84 5.02
C TYR A 150 -9.06 18.39 3.75
N TRP A 151 -8.25 17.55 3.13
CA TRP A 151 -7.46 17.95 1.99
C TRP A 151 -8.31 17.99 0.77
N ARG A 152 -9.19 16.99 0.61
CA ARG A 152 -10.03 16.93 -0.62
C ARG A 152 -10.91 18.17 -0.68
N ASN A 153 -11.44 18.63 0.46
CA ASN A 153 -12.29 19.82 0.47
C ASN A 153 -11.52 21.05 0.11
N ARG A 154 -10.22 21.10 0.43
CA ARG A 154 -9.34 22.21 0.02
C ARG A 154 -9.07 22.20 -1.44
N VAL A 155 -8.81 21.02 -1.97
CA VAL A 155 -8.65 20.88 -3.43
C VAL A 155 -9.93 21.25 -4.19
N MSE A 156 -11.07 20.68 -3.76
CA MSE A 156 -12.35 21.05 -4.40
C MSE A 156 -12.72 22.54 -4.36
O MSE A 156 -13.24 23.08 -5.35
CB MSE A 156 -13.50 20.27 -3.79
CG MSE A 156 -13.23 18.79 -3.79
SE MSE A 156 -14.88 17.78 -3.30
CE MSE A 156 -16.07 18.00 -4.72
N MSE A 157 -12.55 23.19 -3.23
CA MSE A 157 -12.80 24.61 -3.18
C MSE A 157 -12.03 25.41 -4.24
O MSE A 157 -12.61 26.31 -4.85
CB MSE A 157 -12.48 25.12 -1.80
CG MSE A 157 -12.83 26.56 -1.69
SE MSE A 157 -12.55 27.04 0.21
CE MSE A 157 -14.23 26.08 1.02
N VAL A 158 -10.77 25.04 -4.49
CA VAL A 158 -9.98 25.65 -5.59
C VAL A 158 -10.45 25.20 -6.97
N ALA A 159 -10.57 23.88 -7.18
CA ALA A 159 -11.09 23.32 -8.47
C ALA A 159 -12.35 24.06 -8.94
N LYS A 160 -13.29 24.26 -8.00
CA LYS A 160 -14.57 24.81 -8.34
C LYS A 160 -14.44 26.24 -8.80
N LYS A 161 -13.54 27.02 -8.20
CA LYS A 161 -13.28 28.37 -8.74
C LYS A 161 -12.82 28.30 -10.19
N PHE A 162 -11.87 27.42 -10.51
CA PHE A 162 -11.41 27.36 -11.93
C PHE A 162 -12.47 26.78 -12.90
N LEU A 163 -13.21 25.77 -12.44
CA LEU A 163 -14.34 25.18 -13.20
C LEU A 163 -15.45 26.19 -13.45
N ASP A 164 -15.85 26.90 -12.38
CA ASP A 164 -16.85 27.97 -12.55
C ASP A 164 -16.45 29.04 -13.59
N ALA A 165 -15.17 29.42 -13.60
CA ALA A 165 -14.61 30.24 -14.71
C ALA A 165 -14.68 29.37 -15.98
N GLY A 166 -14.18 29.79 -17.12
CA GLY A 166 -14.23 28.84 -18.29
C GLY A 166 -13.54 27.45 -18.18
N HIS A 167 -12.55 27.31 -17.32
CA HIS A 167 -11.46 26.31 -17.51
C HIS A 167 -11.81 24.81 -17.52
N LYS A 168 -11.24 24.07 -18.48
CA LYS A 168 -11.53 22.64 -18.57
C LYS A 168 -10.27 21.91 -18.07
N LEU A 169 -10.44 21.18 -16.98
CA LEU A 169 -9.42 20.31 -16.41
C LEU A 169 -10.18 19.37 -15.46
N ASN A 170 -9.80 18.09 -15.41
CA ASN A 170 -10.36 17.15 -14.38
C ASN A 170 -9.50 17.11 -13.13
N PHE A 171 -10.10 16.75 -11.98
CA PHE A 171 -9.45 16.73 -10.66
C PHE A 171 -9.74 15.40 -9.96
N ALA A 172 -8.75 14.88 -9.26
CA ALA A 172 -8.95 13.68 -8.43
C ALA A 172 -8.01 13.73 -7.26
N VAL A 173 -8.35 13.02 -6.16
CA VAL A 173 -7.41 12.89 -5.03
C VAL A 173 -6.99 11.40 -5.09
N ALA A 174 -5.75 11.07 -4.72
CA ALA A 174 -5.30 9.69 -4.81
C ALA A 174 -4.33 9.37 -3.69
N SER A 175 -4.30 8.13 -3.22
CA SER A 175 -3.33 7.73 -2.17
C SER A 175 -1.91 7.89 -2.73
N ARG A 176 -1.07 8.66 -2.01
CA ARG A 176 0.36 8.81 -2.35
C ARG A 176 1.06 7.49 -2.24
N LYS A 177 0.50 6.59 -1.45
CA LYS A 177 1.03 5.27 -1.28
C LYS A 177 0.66 4.29 -2.42
N THR A 178 -0.65 4.10 -2.60
CA THR A 178 -1.20 3.20 -3.61
C THR A 178 -0.63 3.54 -4.99
N PHE A 179 -0.55 4.85 -5.30
CA PHE A 179 0.01 5.29 -6.60
C PHE A 179 1.45 5.80 -6.55
N SER A 180 2.29 5.14 -5.75
CA SER A 180 3.70 5.48 -5.67
C SER A 180 4.47 5.33 -7.03
N HIS A 181 4.16 4.30 -7.78
CA HIS A 181 4.78 4.04 -9.08
C HIS A 181 4.54 5.18 -10.05
N GLU A 182 3.36 5.78 -10.03
CA GLU A 182 3.01 6.93 -10.89
C GLU A 182 3.83 8.19 -10.59
N LEU A 183 4.20 8.38 -9.32
CA LEU A 183 4.87 9.59 -8.82
C LEU A 183 6.20 9.84 -9.50
N SER A 184 6.99 8.79 -9.68
CA SER A 184 8.24 8.87 -10.41
C SER A 184 8.12 9.51 -11.78
N ASP A 185 6.96 9.38 -12.44
CA ASP A 185 6.70 10.06 -13.73
C ASP A 185 6.76 11.57 -13.61
N PHE A 186 6.48 12.03 -12.41
CA PHE A 186 6.46 13.44 -12.09
C PHE A 186 7.65 13.91 -11.29
N GLY A 187 8.59 13.01 -10.99
CA GLY A 187 9.80 13.35 -10.22
C GLY A 187 9.44 13.52 -8.77
N LEU A 188 8.25 13.08 -8.43
CA LEU A 188 7.80 13.07 -7.05
C LEU A 188 8.19 11.73 -6.37
N GLU A 189 8.21 11.73 -5.04
CA GLU A 189 8.54 10.55 -4.23
C GLU A 189 7.31 10.24 -3.45
N SER A 190 7.16 8.98 -3.04
CA SER A 190 6.04 8.61 -2.18
C SER A 190 6.50 8.80 -0.71
N THR A 191 5.67 9.44 0.11
CA THR A 191 5.89 9.57 1.58
C THR A 191 4.62 9.21 2.37
N ALA A 192 4.75 9.06 3.69
CA ALA A 192 3.56 8.85 4.56
C ALA A 192 2.94 10.24 4.97
N GLY A 193 3.54 11.32 4.40
CA GLY A 193 3.19 12.69 4.74
C GLY A 193 1.75 13.06 4.48
N GLU A 194 1.24 13.99 5.27
CA GLU A 194 -0.15 14.43 5.14
C GLU A 194 -0.34 15.47 4.07
N ILE A 195 0.73 16.21 3.77
CA ILE A 195 0.60 17.39 2.92
C ILE A 195 0.61 16.96 1.46
N PRO A 196 -0.44 17.33 0.68
CA PRO A 196 -0.49 16.84 -0.71
C PRO A 196 0.62 17.32 -1.61
N VAL A 197 1.01 16.46 -2.55
CA VAL A 197 1.80 16.83 -3.78
C VAL A 197 0.89 16.84 -5.02
N VAL A 198 1.18 17.66 -6.04
CA VAL A 198 0.20 17.82 -7.11
C VAL A 198 0.91 17.82 -8.48
N ALA A 199 0.34 17.05 -9.38
CA ALA A 199 0.82 17.04 -10.75
C ALA A 199 -0.40 16.94 -11.73
N ILE A 200 -0.24 17.59 -12.88
CA ILE A 200 -1.17 17.49 -13.98
C ILE A 200 -0.53 16.65 -15.09
N ARG A 201 -1.33 15.81 -15.74
CA ARG A 201 -0.91 15.19 -16.97
C ARG A 201 -1.97 15.51 -18.00
N THR A 202 -1.57 16.07 -19.16
CA THR A 202 -2.58 16.42 -20.16
C THR A 202 -2.84 15.12 -20.96
N ALA A 203 -4.02 14.98 -21.58
CA ALA A 203 -4.32 13.86 -22.47
C ALA A 203 -3.22 13.64 -23.52
N LYS A 204 -2.60 14.71 -24.00
CA LYS A 204 -1.48 14.61 -24.97
C LYS A 204 -0.11 14.33 -24.29
N GLY A 205 -0.07 14.13 -22.98
CA GLY A 205 1.16 13.63 -22.36
C GLY A 205 2.07 14.64 -21.70
N GLU A 206 1.69 15.91 -21.64
CA GLU A 206 2.57 16.91 -21.04
C GLU A 206 2.31 16.81 -19.55
N LYS A 207 3.37 16.94 -18.76
CA LYS A 207 3.25 16.84 -17.33
C LYS A 207 3.69 18.17 -16.64
N PHE A 208 2.96 18.61 -15.60
CA PHE A 208 3.29 19.87 -14.89
C PHE A 208 3.24 19.52 -13.43
N VAL A 209 4.28 19.87 -12.67
CA VAL A 209 4.44 19.46 -11.28
C VAL A 209 4.39 20.67 -10.36
N MSE A 210 3.52 20.66 -9.36
CA MSE A 210 3.45 21.84 -8.53
C MSE A 210 4.79 21.91 -7.81
O MSE A 210 5.26 20.88 -7.38
CB MSE A 210 2.31 21.75 -7.50
CG MSE A 210 2.24 23.04 -6.68
SE MSE A 210 0.60 22.97 -5.60
CE MSE A 210 1.16 21.79 -4.15
N GLN A 211 5.37 23.11 -7.66
CA GLN A 211 6.67 23.30 -6.98
C GLN A 211 6.62 23.75 -5.51
N GLU A 212 5.68 24.60 -5.17
CA GLU A 212 5.52 25.12 -3.86
C GLU A 212 4.87 24.03 -3.02
N GLU A 213 5.11 24.09 -1.70
CA GLU A 213 4.45 23.23 -0.76
C GLU A 213 2.93 23.56 -0.78
N PHE A 214 2.05 22.55 -0.57
CA PHE A 214 0.61 22.75 -0.60
C PHE A 214 0.26 23.44 0.74
N SER A 215 -0.19 24.69 0.63
CA SER A 215 -0.61 25.47 1.78
C SER A 215 -2.06 25.13 2.09
N ARG A 216 -2.33 25.03 3.40
CA ARG A 216 -3.65 24.81 3.93
C ARG A 216 -4.72 25.79 3.38
N ASP A 217 -4.32 27.00 2.97
CA ASP A 217 -5.29 28.01 2.50
C ASP A 217 -5.63 27.83 0.99
N GLY A 218 -5.01 26.79 0.41
CA GLY A 218 -5.16 26.38 -0.99
C GLY A 218 -4.56 27.32 -2.00
N LYS A 219 -3.87 28.37 -1.54
CA LYS A 219 -3.38 29.41 -2.46
C LYS A 219 -2.17 28.94 -3.27
N ALA A 220 -1.33 28.03 -2.74
CA ALA A 220 -0.31 27.42 -3.61
C ALA A 220 -0.93 26.70 -4.79
N LEU A 221 -1.96 25.91 -4.54
CA LEU A 221 -2.71 25.23 -5.63
C LEU A 221 -3.36 26.22 -6.59
N GLU A 222 -3.92 27.27 -6.02
CA GLU A 222 -4.47 28.33 -6.82
C GLU A 222 -3.41 28.97 -7.74
N ARG A 223 -2.21 29.31 -7.22
CA ARG A 223 -1.15 29.88 -8.08
C ARG A 223 -0.68 28.90 -9.13
N PHE A 224 -0.54 27.62 -8.80
CA PHE A 224 -0.14 26.56 -9.73
C PHE A 224 -1.17 26.41 -10.91
N LEU A 225 -2.45 26.34 -10.59
CA LEU A 225 -3.51 26.27 -11.61
C LEU A 225 -3.56 27.52 -12.50
N GLN A 226 -3.46 28.69 -11.87
CA GLN A 226 -3.47 29.92 -12.67
C GLN A 226 -2.36 29.94 -13.74
N ASP A 227 -1.19 29.43 -13.35
CA ASP A 227 0.03 29.42 -14.20
C ASP A 227 -0.08 28.38 -15.31
N TYR A 228 -0.64 27.25 -14.93
CA TYR A 228 -0.99 26.16 -15.82
C TYR A 228 -1.90 26.65 -16.92
N PHE A 229 -3.05 27.21 -16.54
CA PHE A 229 -3.99 27.77 -17.55
C PHE A 229 -3.41 28.94 -18.38
N ASP A 230 -2.55 29.78 -17.76
CA ASP A 230 -1.96 30.89 -18.45
C ASP A 230 -0.87 30.40 -19.41
N GLY A 231 -0.45 29.14 -19.26
CA GLY A 231 0.71 28.63 -19.99
C GLY A 231 2.04 29.22 -19.53
N ASN A 232 2.19 29.55 -18.23
CA ASN A 232 3.49 29.97 -17.71
C ASN A 232 4.22 28.89 -16.93
N LEU A 233 3.92 27.63 -17.17
CA LEU A 233 4.65 26.58 -16.46
C LEU A 233 5.63 25.87 -17.41
N LYS A 234 6.84 25.54 -16.94
CA LYS A 234 7.71 24.65 -17.69
C LYS A 234 7.22 23.22 -17.52
N ARG A 235 7.03 22.50 -18.62
CA ARG A 235 6.58 21.09 -18.45
C ARG A 235 7.71 20.29 -17.79
N TYR A 236 7.34 19.26 -17.05
CA TYR A 236 8.31 18.32 -16.50
C TYR A 236 8.78 17.22 -17.51
N LEU A 237 10.09 16.98 -17.52
CA LEU A 237 10.77 15.66 -17.75
C LEU A 237 12.26 15.76 -17.53
N ALA B 7 -0.89 22.99 32.44
CA ALA B 7 -0.34 21.80 31.68
C ALA B 7 -0.32 22.06 30.20
N SER B 8 -1.33 22.77 29.73
CA SER B 8 -1.39 23.16 28.33
C SER B 8 -1.43 24.69 28.36
N VAL B 9 -0.63 25.32 27.52
CA VAL B 9 -0.57 26.78 27.51
C VAL B 9 -1.71 27.32 26.61
N PRO B 10 -2.52 28.25 27.13
CA PRO B 10 -3.49 28.85 26.23
C PRO B 10 -2.84 29.87 25.34
N LEU B 11 -3.18 29.82 24.05
CA LEU B 11 -2.61 30.67 23.02
C LEU B 11 -3.70 31.65 22.63
N ARG B 12 -3.50 32.92 22.97
CA ARG B 12 -4.57 33.89 22.83
C ARG B 12 -4.58 34.56 21.45
N THR B 13 -3.50 34.43 20.71
CA THR B 13 -3.43 35.15 19.47
C THR B 13 -2.65 34.30 18.55
N GLU B 14 -2.57 34.65 17.28
CA GLU B 14 -1.70 33.94 16.36
C GLU B 14 -0.15 34.02 16.67
N GLU B 15 0.32 35.20 17.06
CA GLU B 15 1.71 35.41 17.45
C GLU B 15 2.09 34.48 18.62
N GLU B 16 1.22 34.40 19.63
CA GLU B 16 1.37 33.36 20.71
C GLU B 16 1.50 31.95 20.20
N PHE B 17 0.69 31.60 19.21
CA PHE B 17 0.85 30.34 18.50
C PHE B 17 2.20 30.15 17.82
N LYS B 18 2.63 31.14 17.01
CA LYS B 18 3.90 31.09 16.27
C LYS B 18 5.10 30.95 17.19
N LYS B 19 5.08 31.69 18.32
CA LYS B 19 6.09 31.58 19.39
C LYS B 19 6.18 30.15 19.90
N PHE B 20 5.01 29.57 20.27
CA PHE B 20 4.94 28.24 20.84
C PHE B 20 5.60 27.19 19.97
N ILE B 21 5.31 27.27 18.66
CA ILE B 21 5.74 26.29 17.68
C ILE B 21 7.19 26.49 17.14
N SER B 22 7.77 27.64 17.42
CA SER B 22 9.15 27.89 17.12
C SER B 22 10.12 27.20 18.08
N ASP B 23 9.63 26.54 19.10
CA ASP B 23 10.53 25.74 19.88
C ASP B 23 11.44 24.79 19.06
N LYS B 24 12.60 24.45 19.63
CA LYS B 24 13.52 23.43 19.12
C LYS B 24 12.99 21.97 19.33
N ASP B 25 12.10 21.77 20.32
CA ASP B 25 11.24 20.58 20.48
C ASP B 25 9.89 20.67 19.73
N ALA B 26 9.24 19.52 19.50
CA ALA B 26 7.94 19.49 18.77
C ALA B 26 6.81 20.10 19.62
N SER B 27 5.69 20.48 19.00
CA SER B 27 4.58 21.14 19.71
C SER B 27 3.37 20.26 19.49
N ILE B 28 2.60 20.05 20.57
CA ILE B 28 1.27 19.46 20.47
C ILE B 28 0.25 20.57 20.71
N VAL B 29 -0.49 20.98 19.67
CA VAL B 29 -1.44 22.09 19.82
C VAL B 29 -2.89 21.61 19.60
N GLY B 30 -3.80 21.83 20.56
CA GLY B 30 -5.21 21.59 20.36
C GLY B 30 -5.96 22.83 19.89
N PHE B 31 -6.88 22.64 18.94
CA PHE B 31 -7.69 23.74 18.37
C PHE B 31 -9.19 23.46 18.62
N PHE B 32 -9.81 24.23 19.53
CA PHE B 32 -11.19 23.97 19.95
C PHE B 32 -12.08 25.17 19.88
N ASP B 33 -13.19 25.06 19.15
CA ASP B 33 -14.05 26.19 19.02
C ASP B 33 -15.06 26.18 20.15
N ASP B 34 -15.22 25.04 20.81
CA ASP B 34 -16.07 24.97 21.98
C ASP B 34 -15.17 24.57 23.15
N SER B 35 -14.85 25.52 24.01
CA SER B 35 -13.91 25.29 25.08
C SER B 35 -14.48 24.46 26.23
N PHE B 36 -15.72 23.97 26.07
CA PHE B 36 -16.24 22.94 26.95
C PHE B 36 -16.50 21.64 26.18
N SER B 37 -16.01 21.51 24.93
CA SER B 37 -16.29 20.25 24.24
C SER B 37 -15.66 19.05 25.00
N GLU B 38 -16.14 17.85 24.75
CA GLU B 38 -15.44 16.63 25.20
C GLU B 38 -14.02 16.51 24.65
N ALA B 39 -13.86 16.89 23.38
CA ALA B 39 -12.55 16.97 22.71
C ALA B 39 -11.58 17.84 23.50
N HIS B 40 -11.97 19.08 23.84
CA HIS B 40 -11.20 19.97 24.63
C HIS B 40 -10.77 19.35 25.95
N SER B 41 -11.66 18.72 26.70
CA SER B 41 -11.25 18.16 27.99
C SER B 41 -10.35 16.94 27.91
N GLU B 42 -10.54 16.08 26.90
CA GLU B 42 -9.64 14.94 26.71
C GLU B 42 -8.28 15.45 26.33
N PHE B 43 -8.23 16.58 25.65
CA PHE B 43 -6.94 17.17 25.32
C PHE B 43 -6.22 17.73 26.57
N LEU B 44 -6.95 18.47 27.40
CA LEU B 44 -6.37 19.01 28.63
C LEU B 44 -5.99 17.86 29.61
N LYS B 45 -6.83 16.83 29.70
CA LYS B 45 -6.41 15.55 30.37
C LYS B 45 -5.15 14.91 29.75
N ALA B 46 -5.03 14.75 28.42
CA ALA B 46 -3.81 14.19 27.89
C ALA B 46 -2.63 15.11 28.28
N ALA B 47 -2.80 16.44 28.16
CA ALA B 47 -1.76 17.45 28.49
C ALA B 47 -1.30 17.34 29.96
N SER B 48 -2.26 17.16 30.86
CA SER B 48 -1.89 16.94 32.26
C SER B 48 -1.19 15.57 32.53
N ASN B 49 -1.64 14.50 31.87
CA ASN B 49 -0.96 13.19 31.96
C ASN B 49 0.46 13.21 31.44
N LEU B 50 0.68 13.85 30.30
CA LEU B 50 1.95 13.78 29.60
C LEU B 50 2.80 15.05 29.75
N ARG B 51 2.40 15.93 30.67
CA ARG B 51 3.08 17.18 31.05
C ARG B 51 4.61 17.06 30.98
N ASP B 52 5.14 15.97 31.51
CA ASP B 52 6.57 15.85 31.75
C ASP B 52 7.30 15.53 30.49
N ASN B 53 6.64 14.95 29.49
CA ASN B 53 7.37 14.57 28.27
C ASN B 53 7.29 15.50 27.12
N TYR B 54 6.13 16.10 26.92
CA TYR B 54 5.90 16.78 25.66
C TYR B 54 5.34 18.16 25.90
N ARG B 55 5.38 19.03 24.89
CA ARG B 55 4.85 20.41 25.02
C ARG B 55 3.49 20.59 24.39
N PHE B 56 2.53 20.91 25.25
CA PHE B 56 1.14 21.12 24.87
C PHE B 56 0.73 22.58 24.96
N ALA B 57 -0.06 23.03 23.97
CA ALA B 57 -0.68 24.35 24.00
C ALA B 57 -2.08 24.11 23.43
N HIS B 58 -3.01 25.05 23.65
CA HIS B 58 -4.35 24.95 23.02
C HIS B 58 -4.86 26.35 22.72
N THR B 59 -5.76 26.44 21.75
CA THR B 59 -6.32 27.68 21.31
C THR B 59 -7.82 27.57 20.96
N ASN B 60 -8.52 28.66 21.19
CA ASN B 60 -9.89 28.86 20.76
C ASN B 60 -9.94 29.95 19.63
N VAL B 61 -8.79 30.43 19.15
CA VAL B 61 -8.71 31.57 18.22
C VAL B 61 -9.34 31.16 16.90
N GLU B 62 -10.37 31.85 16.44
CA GLU B 62 -11.18 31.23 15.42
C GLU B 62 -10.45 31.09 14.05
N SER B 63 -9.57 32.03 13.71
CA SER B 63 -8.74 31.87 12.51
C SER B 63 -7.77 30.65 12.55
N LEU B 64 -7.18 30.39 13.72
CA LEU B 64 -6.29 29.22 13.90
C LEU B 64 -7.12 27.90 13.92
N VAL B 65 -8.22 27.87 14.67
CA VAL B 65 -9.12 26.69 14.71
C VAL B 65 -9.64 26.33 13.29
N ASN B 66 -10.04 27.33 12.51
CA ASN B 66 -10.55 27.15 11.13
C ASN B 66 -9.49 26.77 10.15
N GLU B 67 -8.30 27.29 10.38
CA GLU B 67 -7.14 26.88 9.61
C GLU B 67 -6.73 25.40 9.79
N TYR B 68 -6.77 24.89 11.03
CA TYR B 68 -6.22 23.55 11.30
C TYR B 68 -7.22 22.39 11.42
N ASP B 69 -8.51 22.68 11.35
CA ASP B 69 -9.53 21.64 11.49
C ASP B 69 -10.79 22.11 10.84
N ASP B 70 -11.62 21.20 10.36
CA ASP B 70 -12.87 21.65 9.68
C ASP B 70 -14.11 21.50 10.59
N ASN B 71 -13.92 20.96 11.79
CA ASN B 71 -15.07 20.74 12.66
C ASN B 71 -14.82 21.23 14.10
N GLY B 72 -13.94 22.22 14.23
CA GLY B 72 -13.62 22.79 15.55
C GLY B 72 -13.03 21.92 16.66
N GLU B 73 -12.39 20.80 16.29
CA GLU B 73 -11.71 19.87 17.21
C GLU B 73 -10.49 19.33 16.56
N GLY B 74 -9.35 19.98 16.74
CA GLY B 74 -8.16 19.64 16.03
C GLY B 74 -7.07 19.40 17.02
N ILE B 75 -6.23 18.42 16.71
CA ILE B 75 -4.88 18.32 17.31
C ILE B 75 -3.82 18.14 16.23
N ILE B 76 -2.80 19.01 16.26
CA ILE B 76 -1.73 19.02 15.33
C ILE B 76 -0.42 18.96 16.09
N LEU B 77 0.44 18.01 15.65
CA LEU B 77 1.84 17.86 16.13
C LEU B 77 2.70 18.67 15.12
N PHE B 78 3.50 19.63 15.59
CA PHE B 78 4.39 20.42 14.72
C PHE B 78 5.78 19.90 15.10
N ARG B 79 6.45 19.22 14.18
CA ARG B 79 7.84 18.79 14.41
C ARG B 79 8.80 20.06 14.42
N PRO B 80 10.00 19.98 15.04
CA PRO B 80 10.89 21.18 15.10
C PRO B 80 11.25 21.71 13.74
N SER B 81 11.09 23.01 13.52
CA SER B 81 11.32 23.49 12.12
C SER B 81 12.76 23.29 11.60
N HIS B 82 13.74 23.29 12.49
CA HIS B 82 15.12 23.06 12.07
C HIS B 82 15.40 21.62 11.54
N LEU B 83 14.47 20.71 11.77
CA LEU B 83 14.58 19.30 11.38
C LEU B 83 13.75 18.94 10.15
N THR B 84 13.11 19.93 9.56
CA THR B 84 12.25 19.67 8.40
C THR B 84 13.13 19.08 7.28
N ASN B 85 12.56 18.22 6.45
CA ASN B 85 13.34 17.33 5.55
C ASN B 85 12.39 16.82 4.45
N LYS B 86 12.94 16.20 3.39
CA LYS B 86 12.16 15.79 2.25
C LYS B 86 11.40 14.48 2.38
N PHE B 87 11.64 13.82 3.48
CA PHE B 87 11.17 12.45 3.71
C PHE B 87 9.84 12.39 4.50
N GLU B 88 9.50 13.49 5.14
CA GLU B 88 8.33 13.58 6.00
C GLU B 88 7.92 15.04 6.06
N ASP B 89 6.78 15.35 6.70
CA ASP B 89 6.18 16.70 6.67
C ASP B 89 6.33 17.29 8.07
N LYS B 90 6.26 18.60 8.23
CA LYS B 90 6.45 19.24 9.54
C LYS B 90 5.22 18.98 10.48
N THR B 91 4.01 18.80 9.91
CA THR B 91 2.78 18.65 10.66
C THR B 91 2.23 17.27 10.46
N VAL B 92 1.63 16.77 11.54
CA VAL B 92 0.79 15.57 11.55
C VAL B 92 -0.53 15.86 12.29
N ALA B 93 -1.68 15.78 11.58
CA ALA B 93 -2.94 16.05 12.22
C ALA B 93 -3.35 14.73 12.84
N TYR B 94 -4.04 14.85 13.97
CA TYR B 94 -4.73 13.77 14.63
C TYR B 94 -5.94 13.41 13.78
N THR B 95 -6.08 12.17 13.35
CA THR B 95 -7.12 11.90 12.36
C THR B 95 -8.07 10.77 12.75
N GLU B 96 -7.96 10.28 13.99
CA GLU B 96 -8.91 9.34 14.57
C GLU B 96 -10.21 10.12 14.77
N GLN B 97 -11.32 9.41 14.62
CA GLN B 97 -12.63 10.00 14.70
C GLN B 97 -12.90 10.53 16.12
N LYS B 98 -12.43 9.81 17.12
CA LYS B 98 -12.71 10.16 18.54
C LYS B 98 -11.45 10.59 19.25
N MSE B 99 -11.53 11.72 19.96
CA MSE B 99 -10.45 12.19 20.81
C MSE B 99 -10.57 11.68 22.24
O MSE B 99 -11.58 11.93 22.91
CB MSE B 99 -10.41 13.71 20.82
CG MSE B 99 -10.10 14.23 19.46
SE MSE B 99 -9.55 16.11 19.52
CE MSE B 99 -8.81 16.31 21.33
N THR B 100 -9.57 10.92 22.70
CA THR B 100 -9.56 10.50 24.13
C THR B 100 -8.14 10.67 24.64
N SER B 101 -7.96 10.91 25.94
CA SER B 101 -6.64 11.02 26.59
C SER B 101 -5.70 9.88 26.17
N GLY B 102 -6.21 8.64 26.23
CA GLY B 102 -5.45 7.48 25.82
C GLY B 102 -5.04 7.40 24.37
N LYS B 103 -5.93 7.73 23.43
CA LYS B 103 -5.57 7.68 21.99
C LYS B 103 -4.74 8.90 21.62
N ILE B 104 -4.92 9.99 22.37
CA ILE B 104 -4.08 11.17 22.16
C ILE B 104 -2.65 10.74 22.44
N LYS B 105 -2.46 10.02 23.52
CA LYS B 105 -1.12 9.55 23.87
C LYS B 105 -0.54 8.58 22.85
N LYS B 106 -1.33 7.60 22.39
CA LYS B 106 -0.85 6.72 21.30
C LYS B 106 -0.40 7.50 20.08
N PHE B 107 -1.20 8.49 19.71
CA PHE B 107 -0.90 9.35 18.58
C PHE B 107 0.43 10.05 18.70
N ILE B 108 0.60 10.78 19.79
CA ILE B 108 1.92 11.46 20.05
C ILE B 108 3.11 10.48 19.95
N GLN B 109 3.08 9.45 20.77
CA GLN B 109 4.08 8.38 20.71
C GLN B 109 4.40 7.90 19.31
N GLU B 110 3.39 7.70 18.47
CA GLU B 110 3.64 7.09 17.20
C GLU B 110 4.02 8.06 16.11
N ASN B 111 3.96 9.37 16.37
CA ASN B 111 4.11 10.37 15.29
C ASN B 111 5.09 11.47 15.63
N ILE B 112 5.40 11.69 16.91
CA ILE B 112 6.19 12.90 17.27
C ILE B 112 7.61 12.98 16.63
N PHE B 113 8.40 11.87 16.70
CA PHE B 113 9.81 11.90 16.25
C PHE B 113 10.06 11.80 14.75
N GLY B 114 9.19 11.08 14.04
CA GLY B 114 9.30 10.97 12.62
C GLY B 114 10.22 9.81 12.26
N ILE B 115 10.79 9.82 11.08
CA ILE B 115 11.63 8.70 10.58
C ILE B 115 12.96 8.61 11.33
N CYS B 116 13.50 9.78 11.69
CA CYS B 116 14.88 9.86 12.24
C CYS B 116 15.10 11.13 13.08
N PRO B 117 14.58 11.13 14.35
CA PRO B 117 14.72 12.27 15.20
C PRO B 117 16.17 12.53 15.57
N HIS B 118 16.42 13.74 16.04
CA HIS B 118 17.70 14.08 16.65
C HIS B 118 17.59 13.76 18.12
N MSE B 119 18.43 12.84 18.58
CA MSE B 119 18.44 12.42 19.97
C MSE B 119 19.23 13.35 20.90
O MSE B 119 20.41 13.58 20.67
CB MSE B 119 19.05 11.04 20.04
CG MSE B 119 18.68 10.34 21.29
SE MSE B 119 19.60 8.67 21.60
CE MSE B 119 18.14 7.82 22.28
N THR B 120 18.57 13.82 21.99
CA THR B 120 19.16 14.77 22.91
C THR B 120 19.17 14.14 24.30
N GLU B 121 19.89 14.77 25.23
CA GLU B 121 19.83 14.34 26.62
C GLU B 121 18.37 14.42 27.06
N ASP B 122 17.67 15.44 26.53
CA ASP B 122 16.29 15.71 26.93
C ASP B 122 15.29 14.60 26.51
N ASN B 123 15.45 14.07 25.29
CA ASN B 123 14.48 13.08 24.79
C ASN B 123 14.95 11.60 24.82
N LYS B 124 16.24 11.40 25.10
CA LYS B 124 16.90 10.06 25.07
C LYS B 124 16.01 8.91 25.57
N ASP B 125 15.41 9.09 26.79
CA ASP B 125 14.58 8.05 27.40
C ASP B 125 13.33 7.70 26.60
N LEU B 126 12.84 8.70 25.81
CA LEU B 126 11.64 8.52 24.99
C LEU B 126 11.96 7.80 23.67
N ILE B 127 13.15 8.08 23.11
CA ILE B 127 13.69 7.43 21.90
C ILE B 127 14.29 6.02 22.10
N GLN B 128 14.94 5.78 23.26
CA GLN B 128 15.57 4.49 23.47
C GLN B 128 14.52 3.50 23.97
N GLY B 129 14.83 2.18 23.76
CA GLY B 129 14.02 1.11 24.41
C GLY B 129 13.58 0.05 23.42
N LYS B 130 12.97 0.49 22.32
CA LYS B 130 12.58 -0.35 21.20
C LYS B 130 13.85 -0.53 20.41
N ASP B 131 13.91 -1.56 19.56
CA ASP B 131 15.00 -1.74 18.56
C ASP B 131 15.44 -0.43 17.88
N LEU B 132 16.71 -0.05 18.00
CA LEU B 132 17.15 1.31 17.61
C LEU B 132 18.57 1.46 16.97
N LEU B 133 18.65 2.24 15.88
CA LEU B 133 19.94 2.58 15.19
C LEU B 133 20.28 4.02 15.47
N ILE B 134 21.51 4.24 15.96
CA ILE B 134 21.99 5.62 16.20
C ILE B 134 23.21 5.93 15.34
N ALA B 135 23.16 7.00 14.52
CA ALA B 135 24.36 7.56 13.89
C ALA B 135 24.93 8.76 14.70
N TYR B 136 26.18 8.63 15.16
CA TYR B 136 26.89 9.62 16.03
C TYR B 136 27.86 10.40 15.17
N TYR B 137 27.80 11.74 15.21
CA TYR B 137 28.75 12.59 14.46
C TYR B 137 28.64 13.93 15.16
N ASP B 138 29.07 15.05 14.59
CA ASP B 138 28.92 16.24 15.45
C ASP B 138 27.66 16.97 15.18
N VAL B 139 26.61 16.46 15.81
CA VAL B 139 25.29 17.01 15.64
C VAL B 139 25.23 18.27 16.49
N ASP B 140 24.98 19.41 15.81
CA ASP B 140 24.94 20.69 16.46
C ASP B 140 24.25 21.65 15.56
N TYR B 141 23.00 21.94 15.92
CA TYR B 141 22.17 22.85 15.18
C TYR B 141 22.46 24.34 15.51
N GLU B 142 23.31 24.61 16.49
CA GLU B 142 23.70 25.99 16.76
C GLU B 142 24.92 26.39 15.93
N LYS B 143 25.93 25.54 15.86
CA LYS B 143 27.11 25.93 15.10
C LYS B 143 27.37 25.09 13.85
N ASN B 144 26.57 24.04 13.64
CA ASN B 144 26.81 23.14 12.51
C ASN B 144 25.53 22.57 11.88
N ALA B 145 24.50 23.42 11.72
CA ALA B 145 23.27 22.99 11.07
C ALA B 145 23.52 22.28 9.71
N LYS B 146 24.45 22.84 8.91
CA LYS B 146 24.76 22.33 7.58
C LYS B 146 25.34 20.91 7.61
N GLY B 147 26.37 20.70 8.43
CA GLY B 147 26.93 19.37 8.64
C GLY B 147 25.90 18.40 9.20
N SER B 148 25.08 18.85 10.15
CA SER B 148 24.15 18.02 10.87
C SER B 148 23.09 17.51 9.90
N ASN B 149 22.60 18.42 9.04
CA ASN B 149 21.60 18.07 8.02
C ASN B 149 22.17 17.21 6.91
N TYR B 150 23.36 17.57 6.44
CA TYR B 150 24.11 16.75 5.46
C TYR B 150 24.05 15.22 5.78
N TRP B 151 24.50 14.83 6.96
CA TRP B 151 24.54 13.44 7.29
C TRP B 151 23.19 12.90 7.69
N ARG B 152 22.35 13.66 8.41
CA ARG B 152 21.04 13.14 8.81
C ARG B 152 20.17 12.77 7.59
N ASN B 153 20.31 13.52 6.52
CA ASN B 153 19.47 13.36 5.32
C ASN B 153 19.82 12.05 4.59
N ARG B 154 21.11 11.74 4.65
CA ARG B 154 21.69 10.50 4.12
C ARG B 154 21.24 9.28 4.90
N VAL B 155 21.28 9.36 6.23
CA VAL B 155 20.60 8.38 7.08
C VAL B 155 19.12 8.16 6.73
N MSE B 156 18.29 9.20 6.77
CA MSE B 156 16.88 9.12 6.49
C MSE B 156 16.61 8.55 5.14
O MSE B 156 15.64 7.84 4.96
CB MSE B 156 16.29 10.51 6.52
CG MSE B 156 16.45 11.13 7.90
SE MSE B 156 15.36 12.73 8.15
CE MSE B 156 13.68 11.86 8.17
N MSE B 157 17.45 8.91 4.18
CA MSE B 157 17.24 8.45 2.82
C MSE B 157 17.37 6.93 2.79
O MSE B 157 16.56 6.27 2.19
CB MSE B 157 18.24 9.13 1.90
CG MSE B 157 18.21 8.58 0.52
SE MSE B 157 19.21 9.75 -0.68
CE MSE B 157 17.82 11.11 -1.29
N VAL B 158 18.33 6.36 3.51
CA VAL B 158 18.39 4.92 3.59
C VAL B 158 17.29 4.36 4.49
N ALA B 159 17.14 4.87 5.72
CA ALA B 159 16.10 4.37 6.66
C ALA B 159 14.75 4.14 5.96
N LYS B 160 14.32 5.14 5.19
CA LYS B 160 13.02 5.15 4.56
C LYS B 160 12.90 3.97 3.61
N LYS B 161 14.00 3.65 2.94
CA LYS B 161 14.05 2.65 1.88
C LYS B 161 13.69 1.33 2.54
N PHE B 162 14.26 1.17 3.73
CA PHE B 162 14.06 -0.03 4.53
C PHE B 162 12.73 -0.08 5.24
N LEU B 163 12.24 1.07 5.69
CA LEU B 163 10.93 1.08 6.33
C LEU B 163 9.84 0.84 5.27
N ASP B 164 10.01 1.40 4.06
CA ASP B 164 8.98 1.22 3.06
C ASP B 164 8.88 -0.26 2.64
N ALA B 165 9.99 -0.97 2.75
CA ALA B 165 10.05 -2.40 2.46
C ALA B 165 9.27 -3.16 3.54
N GLY B 166 8.97 -2.45 4.64
CA GLY B 166 8.20 -3.01 5.72
C GLY B 166 9.06 -3.58 6.82
N HIS B 167 10.35 -3.27 6.82
CA HIS B 167 11.22 -3.69 7.91
C HIS B 167 10.93 -2.80 9.12
N LYS B 168 11.14 -3.36 10.31
CA LYS B 168 10.87 -2.64 11.55
C LYS B 168 12.18 -2.32 12.27
N LEU B 169 12.43 -1.01 12.42
CA LEU B 169 13.56 -0.43 13.16
C LEU B 169 13.36 1.11 13.42
N ASN B 170 13.82 1.57 14.57
CA ASN B 170 13.76 2.99 14.92
C ASN B 170 15.13 3.60 14.59
N PHE B 171 15.17 4.86 14.15
CA PHE B 171 16.43 5.56 13.86
C PHE B 171 16.57 6.85 14.65
N ALA B 172 17.80 7.25 14.97
CA ALA B 172 18.08 8.59 15.47
C ALA B 172 19.48 9.07 15.04
N VAL B 173 19.69 10.36 15.14
CA VAL B 173 21.05 10.92 15.12
C VAL B 173 21.39 11.51 16.48
N ALA B 174 22.65 11.37 16.89
CA ALA B 174 23.09 11.87 18.16
C ALA B 174 24.49 12.43 18.07
N SER B 175 24.76 13.49 18.84
CA SER B 175 26.12 14.03 19.02
C SER B 175 27.09 13.01 19.64
N ARG B 176 28.26 12.90 19.00
CA ARG B 176 29.37 12.08 19.52
C ARG B 176 29.94 12.69 20.80
N LYS B 177 29.60 13.94 21.08
CA LYS B 177 30.06 14.65 22.31
C LYS B 177 29.12 14.43 23.50
N THR B 178 27.83 14.65 23.26
CA THR B 178 26.84 14.56 24.33
C THR B 178 26.66 13.11 24.78
N PHE B 179 26.66 12.20 23.78
CA PHE B 179 26.64 10.76 24.04
C PHE B 179 28.02 10.09 23.86
N SER B 180 29.06 10.81 24.35
CA SER B 180 30.49 10.45 24.20
C SER B 180 30.82 9.08 24.81
N HIS B 181 30.02 8.74 25.83
CA HIS B 181 30.25 7.65 26.79
C HIS B 181 29.47 6.45 26.28
N GLU B 182 28.46 6.74 25.45
CA GLU B 182 27.57 5.68 24.92
C GLU B 182 28.28 4.78 23.84
N LEU B 183 29.46 5.46 23.30
CA LEU B 183 30.25 4.81 22.26
C LEU B 183 31.10 3.59 22.82
N SER B 184 31.19 3.52 24.20
CA SER B 184 31.96 2.39 24.84
C SER B 184 31.22 1.05 24.79
N ASP B 185 29.69 1.34 24.55
CA ASP B 185 28.93 0.02 24.62
C ASP B 185 29.23 -0.74 23.36
N PHE B 186 29.80 0.05 22.36
CA PHE B 186 30.06 -0.44 21.00
C PHE B 186 31.56 -0.37 20.64
N GLY B 187 32.38 0.30 21.71
CA GLY B 187 33.82 0.46 21.41
C GLY B 187 34.20 1.31 20.19
N LEU B 188 33.48 2.41 20.00
CA LEU B 188 33.67 3.24 18.80
C LEU B 188 34.44 4.56 19.07
N GLU B 189 35.19 4.61 20.20
CA GLU B 189 35.56 5.96 20.68
C GLU B 189 36.90 6.47 20.05
N SER B 190 37.82 5.39 19.85
CA SER B 190 39.07 5.69 19.14
C SER B 190 38.88 6.51 17.82
N THR B 191 38.03 5.96 16.91
CA THR B 191 37.81 6.57 15.58
C THR B 191 36.63 7.60 15.57
N ALA B 192 36.97 8.88 15.59
CA ALA B 192 35.94 9.92 15.71
C ALA B 192 35.74 10.73 14.45
N GLY B 193 36.07 12.02 14.51
CA GLY B 193 35.85 12.95 13.41
C GLY B 193 34.42 13.14 12.90
N GLU B 194 34.30 13.66 11.69
CA GLU B 194 32.98 14.06 11.29
C GLU B 194 32.14 13.02 10.55
N ILE B 195 32.78 12.01 9.96
CA ILE B 195 32.08 10.97 9.21
C ILE B 195 31.32 10.10 10.24
N PRO B 196 29.99 9.93 10.06
CA PRO B 196 29.21 9.27 11.13
C PRO B 196 29.66 7.87 11.47
N VAL B 197 29.37 7.51 12.70
CA VAL B 197 29.60 6.18 13.17
C VAL B 197 28.23 5.61 13.55
N VAL B 198 28.02 4.33 13.26
CA VAL B 198 26.72 3.68 13.36
C VAL B 198 26.75 2.40 14.24
N ALA B 199 25.76 2.26 15.14
CA ALA B 199 25.50 1.04 15.91
C ALA B 199 23.97 0.83 16.16
N ILE B 200 23.56 -0.43 16.35
CA ILE B 200 22.18 -0.82 16.74
C ILE B 200 22.08 -1.49 18.11
N ARG B 201 21.04 -1.12 18.87
CA ARG B 201 20.71 -1.82 20.10
C ARG B 201 19.29 -2.33 20.03
N THR B 202 19.10 -3.63 20.20
CA THR B 202 17.76 -4.18 20.15
C THR B 202 17.03 -3.98 21.48
N ALA B 203 15.71 -4.15 21.45
CA ALA B 203 14.92 -4.27 22.65
C ALA B 203 15.62 -5.27 23.61
N LYS B 204 15.70 -6.55 23.19
CA LYS B 204 16.43 -7.60 23.86
C LYS B 204 17.90 -7.35 24.24
N GLY B 205 18.50 -6.25 23.79
CA GLY B 205 19.87 -5.91 24.21
C GLY B 205 21.09 -6.30 23.38
N GLU B 206 20.89 -6.89 22.18
CA GLU B 206 22.02 -7.14 21.26
C GLU B 206 22.66 -5.85 20.70
N LYS B 207 23.95 -5.92 20.43
CA LYS B 207 24.68 -4.77 19.84
C LYS B 207 25.33 -5.15 18.51
N PHE B 208 24.98 -4.42 17.47
CA PHE B 208 25.55 -4.62 16.15
C PHE B 208 26.20 -3.31 15.73
N VAL B 209 27.44 -3.37 15.28
CA VAL B 209 28.25 -2.20 15.00
C VAL B 209 28.75 -2.18 13.55
N MSE B 210 28.41 -1.12 12.81
CA MSE B 210 28.78 -1.01 11.40
C MSE B 210 30.30 -0.92 11.27
O MSE B 210 30.95 -0.24 12.07
CB MSE B 210 28.13 0.21 10.77
CG MSE B 210 28.30 0.26 9.26
SE MSE B 210 27.62 1.98 8.45
CE MSE B 210 29.38 2.74 8.05
N GLN B 211 30.86 -1.60 10.27
CA GLN B 211 32.32 -1.78 10.15
C GLN B 211 32.97 -0.94 9.06
N GLU B 212 32.27 -0.75 7.94
CA GLU B 212 32.74 0.11 6.85
C GLU B 212 32.66 1.56 7.25
N GLU B 213 33.54 2.39 6.68
CA GLU B 213 33.35 3.86 6.62
C GLU B 213 31.93 4.22 6.11
N PHE B 214 31.29 5.19 6.74
CA PHE B 214 30.02 5.72 6.26
C PHE B 214 30.32 6.45 4.96
N SER B 215 29.96 5.85 3.84
CA SER B 215 30.20 6.46 2.55
C SER B 215 29.15 7.56 2.32
N ARG B 216 29.50 8.60 1.57
CA ARG B 216 28.57 9.70 1.45
C ARG B 216 27.44 9.37 0.44
N ASP B 217 27.60 8.30 -0.34
CA ASP B 217 26.48 7.75 -1.16
C ASP B 217 25.42 6.97 -0.36
N GLY B 218 25.70 6.73 0.92
CA GLY B 218 24.77 6.05 1.84
C GLY B 218 24.82 4.55 1.71
N LYS B 219 25.63 4.03 0.77
CA LYS B 219 25.69 2.56 0.52
C LYS B 219 26.31 1.63 1.60
N ALA B 220 27.34 2.07 2.31
CA ALA B 220 27.81 1.27 3.45
C ALA B 220 26.69 1.07 4.50
N LEU B 221 25.88 2.11 4.70
CA LEU B 221 24.73 2.01 5.60
C LEU B 221 23.62 1.05 5.11
N GLU B 222 23.34 1.06 3.80
CA GLU B 222 22.44 0.09 3.17
C GLU B 222 22.93 -1.36 3.35
N ARG B 223 24.19 -1.61 3.01
CA ARG B 223 24.81 -2.92 3.24
C ARG B 223 24.64 -3.37 4.70
N PHE B 224 24.89 -2.47 5.65
CA PHE B 224 24.84 -2.82 7.08
C PHE B 224 23.41 -3.19 7.51
N LEU B 225 22.44 -2.33 7.16
CA LEU B 225 21.02 -2.60 7.44
C LEU B 225 20.47 -3.91 6.88
N GLN B 226 20.85 -4.19 5.64
CA GLN B 226 20.54 -5.40 4.93
C GLN B 226 21.03 -6.61 5.70
N ASP B 227 22.34 -6.66 5.95
CA ASP B 227 22.91 -7.70 6.77
C ASP B 227 22.12 -7.86 8.09
N TYR B 228 21.84 -6.75 8.78
CA TYR B 228 20.99 -6.78 9.98
C TYR B 228 19.62 -7.46 9.76
N PHE B 229 18.88 -7.06 8.72
CA PHE B 229 17.55 -7.66 8.49
C PHE B 229 17.62 -9.12 8.03
N ASP B 230 18.67 -9.47 7.30
CA ASP B 230 18.92 -10.87 6.95
C ASP B 230 19.48 -11.69 8.12
N GLY B 231 20.00 -10.98 9.13
CA GLY B 231 20.82 -11.58 10.19
C GLY B 231 22.08 -12.28 9.69
N ASN B 232 22.86 -11.59 8.85
CA ASN B 232 24.22 -12.03 8.48
C ASN B 232 25.27 -11.20 9.23
N LEU B 233 24.93 -10.72 10.42
CA LEU B 233 25.82 -9.85 11.20
C LEU B 233 26.23 -10.40 12.57
N LYS B 234 27.53 -10.42 12.84
CA LYS B 234 28.03 -10.78 14.17
C LYS B 234 27.62 -9.71 15.23
N ARG B 235 27.05 -10.18 16.34
CA ARG B 235 26.75 -9.36 17.52
C ARG B 235 28.06 -8.90 18.20
N TYR B 236 28.01 -7.72 18.82
CA TYR B 236 29.19 -7.13 19.43
C TYR B 236 29.10 -7.24 20.96
N PRO C 6 3.79 -9.76 -28.11
CA PRO C 6 2.48 -9.75 -27.45
C PRO C 6 2.51 -10.24 -25.98
N ALA C 7 1.88 -9.49 -25.09
CA ALA C 7 1.91 -9.85 -23.66
C ALA C 7 1.13 -11.15 -23.43
N SER C 8 0.08 -11.38 -24.25
CA SER C 8 -0.79 -12.59 -24.21
C SER C 8 -0.93 -13.31 -25.60
N VAL C 9 -0.69 -14.62 -25.62
CA VAL C 9 -0.82 -15.38 -26.90
C VAL C 9 -2.30 -15.77 -27.15
N PRO C 10 -2.87 -15.36 -28.27
CA PRO C 10 -4.24 -15.82 -28.59
C PRO C 10 -4.25 -17.30 -29.02
N LEU C 11 -5.01 -18.16 -28.32
CA LEU C 11 -5.10 -19.58 -28.73
C LEU C 11 -6.32 -19.85 -29.64
N ARG C 12 -6.10 -20.27 -30.89
CA ARG C 12 -7.19 -20.39 -31.87
C ARG C 12 -7.72 -21.82 -32.10
N THR C 13 -7.09 -22.79 -31.41
CA THR C 13 -7.42 -24.21 -31.58
C THR C 13 -7.16 -24.88 -30.24
N GLU C 14 -7.77 -26.04 -30.00
CA GLU C 14 -7.47 -26.81 -28.76
C GLU C 14 -6.03 -27.29 -28.72
N GLU C 15 -5.45 -27.56 -29.88
CA GLU C 15 -4.07 -28.00 -29.93
C GLU C 15 -3.05 -26.91 -29.55
N GLU C 16 -3.31 -25.67 -29.98
CA GLU C 16 -2.55 -24.50 -29.52
C GLU C 16 -2.65 -24.37 -28.01
N PHE C 17 -3.86 -24.60 -27.49
CA PHE C 17 -4.08 -24.55 -26.06
C PHE C 17 -3.24 -25.62 -25.36
N LYS C 18 -3.33 -26.86 -25.84
CA LYS C 18 -2.65 -27.98 -25.20
C LYS C 18 -1.13 -27.73 -25.22
N LYS C 19 -0.64 -27.19 -26.34
CA LYS C 19 0.78 -26.84 -26.47
C LYS C 19 1.21 -25.76 -25.49
N PHE C 20 0.33 -24.78 -25.22
CA PHE C 20 0.73 -23.62 -24.41
C PHE C 20 0.87 -24.07 -22.99
N ILE C 21 -0.10 -24.88 -22.54
CA ILE C 21 -0.12 -25.40 -21.17
C ILE C 21 0.92 -26.53 -20.92
N SER C 22 1.54 -27.06 -22.00
CA SER C 22 2.58 -28.12 -21.94
C SER C 22 3.89 -27.67 -21.35
N ASP C 23 4.12 -26.36 -21.34
CA ASP C 23 5.39 -25.72 -20.94
C ASP C 23 5.82 -26.12 -19.50
N LYS C 24 7.11 -25.99 -19.17
CA LYS C 24 7.59 -26.36 -17.82
C LYS C 24 7.23 -25.29 -16.78
N ASP C 25 6.78 -24.15 -17.29
CA ASP C 25 6.28 -23.11 -16.42
C ASP C 25 4.76 -23.10 -16.42
N ALA C 26 4.18 -22.56 -15.35
CA ALA C 26 2.73 -22.33 -15.23
C ALA C 26 2.15 -21.53 -16.42
N SER C 27 0.83 -21.64 -16.64
CA SER C 27 0.13 -20.93 -17.71
C SER C 27 -1.04 -20.18 -17.04
N ILE C 28 -1.13 -18.87 -17.29
CA ILE C 28 -2.32 -18.07 -16.98
C ILE C 28 -3.18 -17.97 -18.27
N VAL C 29 -4.30 -18.69 -18.30
CA VAL C 29 -5.19 -18.67 -19.48
C VAL C 29 -6.55 -17.96 -19.24
N GLY C 30 -6.90 -17.00 -20.10
CA GLY C 30 -8.17 -16.27 -19.96
C GLY C 30 -9.11 -16.87 -21.01
N PHE C 31 -10.37 -17.12 -20.61
CA PHE C 31 -11.37 -17.68 -21.50
C PHE C 31 -12.51 -16.69 -21.64
N PHE C 32 -12.69 -16.12 -22.84
CA PHE C 32 -13.67 -15.03 -23.07
C PHE C 32 -14.49 -15.29 -24.33
N ASP C 33 -15.80 -15.43 -24.23
CA ASP C 33 -16.53 -15.52 -25.50
C ASP C 33 -16.67 -14.20 -26.15
N ASP C 34 -16.57 -13.13 -25.37
CA ASP C 34 -16.67 -11.78 -25.92
C ASP C 34 -15.31 -11.11 -25.95
N SER C 35 -14.70 -10.99 -27.12
CA SER C 35 -13.33 -10.44 -27.14
C SER C 35 -13.31 -8.94 -26.90
N PHE C 36 -14.49 -8.35 -26.81
CA PHE C 36 -14.68 -6.92 -26.61
C PHE C 36 -15.13 -6.56 -25.19
N SER C 37 -15.02 -7.51 -24.25
CA SER C 37 -15.49 -7.28 -22.89
C SER C 37 -14.44 -6.51 -22.08
N GLU C 38 -14.88 -5.81 -21.04
CA GLU C 38 -13.96 -5.22 -20.07
C GLU C 38 -13.07 -6.27 -19.48
N ALA C 39 -13.57 -7.49 -19.26
CA ALA C 39 -12.75 -8.55 -18.62
C ALA C 39 -11.56 -8.98 -19.52
N HIS C 40 -11.86 -9.14 -20.80
CA HIS C 40 -10.80 -9.36 -21.81
C HIS C 40 -9.74 -8.25 -21.81
N SER C 41 -10.18 -6.99 -21.79
CA SER C 41 -9.29 -5.82 -21.70
C SER C 41 -8.41 -5.85 -20.43
N GLU C 42 -9.02 -6.12 -19.29
CA GLU C 42 -8.29 -6.15 -18.04
C GLU C 42 -7.26 -7.29 -18.01
N PHE C 43 -7.65 -8.42 -18.54
CA PHE C 43 -6.76 -9.56 -18.70
C PHE C 43 -5.54 -9.20 -19.52
N LEU C 44 -5.74 -8.56 -20.68
CA LEU C 44 -4.60 -8.05 -21.45
C LEU C 44 -3.75 -6.99 -20.72
N LYS C 45 -4.40 -6.15 -19.91
CA LYS C 45 -3.67 -5.20 -19.06
C LYS C 45 -2.82 -5.96 -18.00
N ALA C 46 -3.37 -7.02 -17.40
CA ALA C 46 -2.57 -7.86 -16.49
C ALA C 46 -1.41 -8.54 -17.18
N ALA C 47 -1.66 -9.08 -18.37
CA ALA C 47 -0.62 -9.74 -19.14
C ALA C 47 0.51 -8.77 -19.41
N SER C 48 0.21 -7.57 -19.91
CA SER C 48 1.27 -6.62 -20.24
C SER C 48 2.10 -6.11 -18.99
N ASN C 49 1.46 -6.10 -17.82
CA ASN C 49 2.08 -5.77 -16.54
C ASN C 49 3.02 -6.85 -16.06
N LEU C 50 2.57 -8.11 -16.13
CA LEU C 50 3.18 -9.26 -15.44
C LEU C 50 3.89 -10.23 -16.38
N ARG C 51 3.91 -9.86 -17.66
CA ARG C 51 4.68 -10.48 -18.72
C ARG C 51 6.09 -11.00 -18.30
N ASP C 52 6.80 -10.30 -17.41
CA ASP C 52 8.12 -10.75 -16.97
C ASP C 52 8.11 -11.78 -15.82
N ASN C 53 6.97 -12.00 -15.18
CA ASN C 53 6.92 -13.07 -14.17
C ASN C 53 6.17 -14.33 -14.63
N TYR C 54 5.14 -14.14 -15.48
CA TYR C 54 4.16 -15.22 -15.77
C TYR C 54 3.86 -15.33 -17.27
N ARG C 55 3.28 -16.45 -17.70
CA ARG C 55 2.99 -16.68 -19.13
C ARG C 55 1.49 -16.61 -19.29
N PHE C 56 1.05 -15.77 -20.21
CA PHE C 56 -0.36 -15.47 -20.39
C PHE C 56 -0.79 -15.88 -21.77
N ALA C 57 -1.97 -16.49 -21.87
CA ALA C 57 -2.62 -16.68 -23.19
C ALA C 57 -4.12 -16.48 -22.98
N HIS C 58 -4.88 -16.33 -24.05
CA HIS C 58 -6.28 -16.08 -23.93
C HIS C 58 -6.93 -16.70 -25.16
N THR C 59 -8.21 -17.05 -25.02
CA THR C 59 -8.93 -17.79 -26.06
C THR C 59 -10.40 -17.45 -26.03
N ASN C 60 -11.02 -17.49 -27.23
CA ASN C 60 -12.44 -17.34 -27.45
C ASN C 60 -13.03 -18.64 -28.06
N VAL C 61 -12.23 -19.69 -28.12
CA VAL C 61 -12.64 -20.99 -28.66
C VAL C 61 -13.77 -21.63 -27.81
N GLU C 62 -14.96 -21.78 -28.37
CA GLU C 62 -16.10 -22.14 -27.52
C GLU C 62 -15.90 -23.40 -26.75
N SER C 63 -15.27 -24.42 -27.36
CA SER C 63 -15.14 -25.68 -26.63
C SER C 63 -14.30 -25.48 -25.36
N LEU C 64 -13.29 -24.62 -25.45
CA LEU C 64 -12.39 -24.35 -24.33
C LEU C 64 -13.06 -23.43 -23.32
N VAL C 65 -13.65 -22.34 -23.80
CA VAL C 65 -14.32 -21.39 -22.93
C VAL C 65 -15.36 -22.19 -22.14
N ASN C 66 -16.13 -23.05 -22.83
CA ASN C 66 -17.26 -23.79 -22.18
C ASN C 66 -16.78 -24.87 -21.23
N GLU C 67 -15.57 -25.36 -21.43
CA GLU C 67 -15.04 -26.33 -20.49
C GLU C 67 -14.70 -25.70 -19.11
N TYR C 68 -14.04 -24.54 -19.14
CA TYR C 68 -13.44 -23.94 -17.95
C TYR C 68 -14.23 -22.91 -17.21
N ASP C 69 -15.29 -22.43 -17.86
CA ASP C 69 -16.14 -21.40 -17.25
C ASP C 69 -17.56 -21.60 -17.75
N ASP C 70 -18.57 -21.42 -16.90
CA ASP C 70 -19.95 -21.54 -17.33
C ASP C 70 -20.56 -20.22 -17.81
N ASN C 71 -19.80 -19.13 -17.76
CA ASN C 71 -20.35 -17.84 -18.14
C ASN C 71 -19.57 -17.06 -19.16
N GLY C 72 -18.62 -17.71 -19.85
CA GLY C 72 -17.93 -17.07 -21.00
C GLY C 72 -16.87 -16.07 -20.57
N GLU C 73 -16.44 -16.14 -19.33
CA GLU C 73 -15.54 -15.16 -18.75
C GLU C 73 -14.81 -15.83 -17.57
N GLY C 74 -13.70 -16.47 -17.87
CA GLY C 74 -12.96 -17.10 -16.83
C GLY C 74 -11.48 -16.97 -17.04
N ILE C 75 -10.76 -17.28 -15.95
CA ILE C 75 -9.28 -17.44 -15.93
C ILE C 75 -8.97 -18.70 -15.11
N ILE C 76 -8.10 -19.53 -15.69
CA ILE C 76 -7.54 -20.72 -15.07
C ILE C 76 -6.02 -20.61 -15.05
N LEU C 77 -5.44 -20.73 -13.85
CA LEU C 77 -3.97 -21.02 -13.66
C LEU C 77 -3.69 -22.52 -13.77
N PHE C 78 -2.80 -22.91 -14.70
CA PHE C 78 -2.38 -24.27 -14.89
C PHE C 78 -0.94 -24.33 -14.30
N ARG C 79 -0.77 -25.10 -13.24
CA ARG C 79 0.57 -25.32 -12.69
C ARG C 79 1.30 -26.31 -13.62
N PRO C 80 2.65 -26.27 -13.61
CA PRO C 80 3.45 -27.05 -14.54
C PRO C 80 3.14 -28.51 -14.34
N SER C 81 2.99 -29.22 -15.44
CA SER C 81 2.56 -30.58 -15.40
C SER C 81 3.50 -31.56 -14.70
N HIS C 82 4.81 -31.25 -14.68
CA HIS C 82 5.78 -32.22 -14.18
C HIS C 82 5.77 -32.19 -12.67
N LEU C 83 5.18 -31.11 -12.13
CA LEU C 83 5.05 -30.83 -10.68
C LEU C 83 3.74 -31.33 -10.04
N THR C 84 2.90 -31.92 -10.86
CA THR C 84 1.59 -32.44 -10.48
C THR C 84 1.79 -33.49 -9.39
N ASN C 85 0.89 -33.47 -8.40
CA ASN C 85 1.09 -34.31 -7.20
C ASN C 85 -0.26 -34.61 -6.49
N LYS C 86 -0.20 -35.49 -5.50
CA LYS C 86 -1.42 -35.89 -4.82
C LYS C 86 -1.91 -34.92 -3.74
N PHE C 87 -1.24 -33.77 -3.53
CA PHE C 87 -1.57 -32.89 -2.37
C PHE C 87 -2.34 -31.64 -2.75
N GLU C 88 -2.48 -31.40 -4.07
CA GLU C 88 -3.14 -30.20 -4.55
C GLU C 88 -3.50 -30.47 -5.99
N ASP C 89 -4.27 -29.59 -6.62
CA ASP C 89 -4.65 -29.81 -8.02
C ASP C 89 -3.80 -29.00 -8.96
N LYS C 90 -3.74 -29.45 -10.22
CA LYS C 90 -2.99 -28.77 -11.32
C LYS C 90 -3.62 -27.43 -11.65
N THR C 91 -4.97 -27.34 -11.56
CA THR C 91 -5.62 -26.08 -12.03
C THR C 91 -6.23 -25.29 -10.87
N VAL C 92 -6.24 -23.95 -11.01
CA VAL C 92 -6.86 -23.02 -10.04
C VAL C 92 -7.71 -22.04 -10.79
N ALA C 93 -9.02 -22.00 -10.55
CA ALA C 93 -9.92 -20.99 -11.18
C ALA C 93 -9.96 -19.69 -10.42
N TYR C 94 -9.85 -18.59 -11.18
CA TYR C 94 -10.14 -17.26 -10.71
C TYR C 94 -11.59 -17.23 -10.24
N THR C 95 -11.76 -16.82 -8.99
CA THR C 95 -13.03 -16.92 -8.31
C THR C 95 -13.73 -15.57 -8.08
N GLU C 96 -13.03 -14.42 -8.13
CA GLU C 96 -13.70 -13.09 -7.92
C GLU C 96 -14.78 -12.81 -8.94
N GLN C 97 -15.71 -11.93 -8.58
CA GLN C 97 -16.82 -11.59 -9.43
C GLN C 97 -16.36 -10.73 -10.60
N LYS C 98 -15.50 -9.78 -10.32
CA LYS C 98 -14.96 -8.89 -11.31
C LYS C 98 -13.50 -9.27 -11.64
N MSE C 99 -13.12 -9.19 -12.92
CA MSE C 99 -11.76 -9.30 -13.30
C MSE C 99 -11.11 -7.94 -13.59
O MSE C 99 -11.62 -7.15 -14.40
CB MSE C 99 -11.64 -10.26 -14.49
CG MSE C 99 -12.46 -11.54 -14.35
SE MSE C 99 -12.08 -12.53 -15.98
CE MSE C 99 -10.62 -11.57 -16.81
N THR C 100 -10.00 -7.64 -12.90
CA THR C 100 -9.21 -6.43 -13.10
C THR C 100 -7.72 -6.78 -13.12
N SER C 101 -6.89 -5.99 -13.77
CA SER C 101 -5.45 -6.34 -13.74
C SER C 101 -4.90 -6.48 -12.32
N GLY C 102 -5.37 -5.67 -11.37
CA GLY C 102 -4.93 -5.76 -9.95
C GLY C 102 -5.43 -6.99 -9.21
N LYS C 103 -6.70 -7.35 -9.41
CA LYS C 103 -7.22 -8.59 -8.83
C LYS C 103 -6.53 -9.85 -9.43
N ILE C 104 -6.14 -9.75 -10.70
CA ILE C 104 -5.49 -10.87 -11.36
C ILE C 104 -4.06 -11.01 -10.85
N LYS C 105 -3.31 -9.93 -10.68
CA LYS C 105 -1.98 -10.00 -10.01
C LYS C 105 -2.03 -10.73 -8.66
N LYS C 106 -2.91 -10.27 -7.76
CA LYS C 106 -3.14 -10.91 -6.45
C LYS C 106 -3.50 -12.39 -6.58
N PHE C 107 -4.34 -12.67 -7.58
CA PHE C 107 -4.73 -14.05 -7.85
C PHE C 107 -3.56 -14.97 -8.20
N ILE C 108 -2.75 -14.52 -9.16
CA ILE C 108 -1.59 -15.28 -9.58
C ILE C 108 -0.63 -15.47 -8.39
N GLN C 109 -0.24 -14.37 -7.75
CA GLN C 109 0.71 -14.42 -6.62
C GLN C 109 0.33 -15.43 -5.56
N GLU C 110 -0.97 -15.50 -5.25
CA GLU C 110 -1.50 -16.37 -4.15
C GLU C 110 -1.66 -17.80 -4.55
N ASN C 111 -1.69 -18.07 -5.85
CA ASN C 111 -2.12 -19.40 -6.29
C ASN C 111 -1.13 -20.14 -7.16
N ILE C 112 -0.11 -19.46 -7.62
CA ILE C 112 0.76 -20.05 -8.64
C ILE C 112 1.62 -21.20 -8.08
N PHE C 113 2.20 -21.02 -6.89
CA PHE C 113 3.21 -21.99 -6.42
C PHE C 113 2.68 -23.30 -5.84
N GLY C 114 1.50 -23.23 -5.23
CA GLY C 114 1.03 -24.31 -4.37
C GLY C 114 1.91 -24.58 -3.11
N ILE C 115 1.71 -25.77 -2.55
CA ILE C 115 2.32 -26.20 -1.27
C ILE C 115 3.83 -26.18 -1.27
N CYS C 116 4.45 -26.65 -2.35
CA CYS C 116 5.89 -26.82 -2.36
C CYS C 116 6.47 -26.59 -3.78
N PRO C 117 6.57 -25.30 -4.23
CA PRO C 117 7.22 -24.98 -5.51
C PRO C 117 8.68 -25.45 -5.64
N HIS C 118 9.13 -25.68 -6.89
CA HIS C 118 10.54 -25.81 -7.20
C HIS C 118 11.10 -24.40 -7.34
N MSE C 119 11.94 -24.00 -6.38
CA MSE C 119 12.51 -22.67 -6.39
C MSE C 119 13.73 -22.68 -7.25
O MSE C 119 14.66 -23.49 -7.03
CB MSE C 119 12.95 -22.29 -5.00
CG MSE C 119 13.57 -20.88 -4.96
SE MSE C 119 14.15 -20.42 -3.10
CE MSE C 119 12.88 -21.24 -1.95
N THR C 120 13.72 -21.79 -8.22
CA THR C 120 14.76 -21.62 -9.20
C THR C 120 15.24 -20.21 -9.02
N GLU C 121 16.24 -19.85 -9.81
CA GLU C 121 16.68 -18.45 -9.96
C GLU C 121 15.60 -17.55 -10.55
N ASP C 122 14.81 -18.10 -11.47
CA ASP C 122 13.72 -17.33 -12.08
C ASP C 122 12.66 -16.84 -11.05
N ASN C 123 12.30 -17.68 -10.08
CA ASN C 123 11.17 -17.34 -9.18
C ASN C 123 11.49 -17.12 -7.73
N LYS C 124 12.77 -17.09 -7.37
CA LYS C 124 13.18 -17.15 -5.97
C LYS C 124 12.79 -15.87 -5.16
N ASP C 125 12.64 -14.75 -5.82
CA ASP C 125 12.25 -13.50 -5.16
C ASP C 125 10.78 -13.49 -4.75
N LEU C 126 9.98 -14.19 -5.55
CA LEU C 126 8.54 -14.43 -5.34
C LEU C 126 8.34 -15.46 -4.19
N ILE C 127 9.19 -16.46 -4.16
CA ILE C 127 9.10 -17.46 -3.15
C ILE C 127 9.56 -17.05 -1.76
N GLN C 128 10.68 -16.32 -1.67
CA GLN C 128 11.13 -15.97 -0.31
C GLN C 128 10.60 -14.63 0.17
N GLY C 129 10.91 -14.32 1.43
CA GLY C 129 10.37 -13.15 2.06
C GLY C 129 9.55 -13.56 3.28
N LYS C 130 8.74 -14.61 3.12
CA LYS C 130 7.91 -15.14 4.21
C LYS C 130 8.64 -16.29 4.87
N ASP C 131 8.14 -16.73 6.02
CA ASP C 131 8.68 -17.93 6.67
C ASP C 131 8.70 -19.05 5.66
N LEU C 132 9.90 -19.62 5.47
CA LEU C 132 10.16 -20.54 4.39
C LEU C 132 11.12 -21.66 4.82
N LEU C 133 10.64 -22.89 4.70
CA LEU C 133 11.46 -24.09 4.73
C LEU C 133 11.91 -24.38 3.29
N ILE C 134 13.22 -24.56 3.10
CA ILE C 134 13.77 -25.13 1.85
C ILE C 134 14.38 -26.54 2.12
N ALA C 135 14.06 -27.50 1.25
CA ALA C 135 14.75 -28.77 1.18
C ALA C 135 15.72 -28.65 0.02
N TYR C 136 17.04 -28.82 0.25
CA TYR C 136 18.03 -28.64 -0.83
C TYR C 136 18.55 -30.00 -1.20
N TYR C 137 18.54 -30.33 -2.50
CA TYR C 137 19.09 -31.65 -2.95
C TYR C 137 19.30 -31.59 -4.44
N ASP C 138 19.45 -32.72 -5.11
CA ASP C 138 19.79 -32.66 -6.58
C ASP C 138 18.49 -32.53 -7.41
N VAL C 139 17.74 -31.49 -7.12
CA VAL C 139 16.59 -31.12 -7.97
C VAL C 139 17.01 -30.79 -9.39
N ASP C 140 16.44 -31.53 -10.35
CA ASP C 140 16.83 -31.41 -11.76
C ASP C 140 15.83 -32.22 -12.56
N TYR C 141 14.83 -31.56 -13.10
CA TYR C 141 13.79 -32.24 -13.82
C TYR C 141 14.20 -32.53 -15.25
N GLU C 142 15.45 -32.21 -15.62
CA GLU C 142 15.96 -32.48 -16.97
C GLU C 142 16.57 -33.82 -16.94
N LYS C 143 17.57 -33.98 -16.09
CA LYS C 143 18.18 -35.27 -16.01
C LYS C 143 17.89 -36.08 -14.73
N ASN C 144 17.04 -35.61 -13.84
CA ASN C 144 16.77 -36.38 -12.65
C ASN C 144 15.28 -36.24 -12.23
N ALA C 145 14.34 -36.33 -13.20
CA ALA C 145 12.93 -36.28 -12.85
C ALA C 145 12.60 -37.29 -11.77
N LYS C 146 13.13 -38.49 -11.91
CA LYS C 146 12.84 -39.55 -10.93
C LYS C 146 13.24 -39.20 -9.49
N GLY C 147 14.49 -38.81 -9.27
CA GLY C 147 14.94 -38.47 -7.92
C GLY C 147 14.33 -37.15 -7.46
N SER C 148 14.12 -36.16 -8.35
CA SER C 148 13.46 -34.87 -7.97
C SER C 148 12.09 -35.09 -7.31
N ASN C 149 11.28 -35.93 -7.94
CA ASN C 149 9.93 -36.31 -7.45
C ASN C 149 9.99 -37.15 -6.21
N TYR C 150 10.94 -38.06 -6.14
CA TYR C 150 11.02 -38.96 -5.03
C TYR C 150 11.16 -38.14 -3.75
N TRP C 151 12.14 -37.22 -3.75
CA TRP C 151 12.34 -36.40 -2.58
C TRP C 151 11.27 -35.29 -2.40
N ARG C 152 10.83 -34.67 -3.48
CA ARG C 152 9.74 -33.67 -3.36
C ARG C 152 8.44 -34.24 -2.80
N ASN C 153 8.02 -35.42 -3.28
CA ASN C 153 6.79 -36.04 -2.77
C ASN C 153 6.89 -36.29 -1.27
N ARG C 154 8.11 -36.65 -0.79
CA ARG C 154 8.35 -36.91 0.65
C ARG C 154 8.33 -35.63 1.51
N VAL C 155 8.95 -34.58 1.02
CA VAL C 155 8.84 -33.33 1.69
C VAL C 155 7.35 -32.84 1.69
N MSE C 156 6.65 -32.92 0.54
CA MSE C 156 5.23 -32.49 0.46
C MSE C 156 4.31 -33.23 1.38
O MSE C 156 3.44 -32.67 2.01
CB MSE C 156 4.72 -32.60 -0.98
CG MSE C 156 5.38 -31.63 -1.90
SE MSE C 156 4.43 -31.49 -3.56
CE MSE C 156 3.09 -30.16 -3.10
N MSE C 157 4.55 -34.52 1.52
CA MSE C 157 3.75 -35.34 2.40
C MSE C 157 3.81 -34.85 3.86
O MSE C 157 2.77 -34.73 4.52
CB MSE C 157 4.27 -36.77 2.30
CG MSE C 157 3.82 -37.61 3.42
SE MSE C 157 3.84 -39.49 2.92
CE MSE C 157 2.20 -39.62 1.85
N VAL C 158 5.00 -34.53 4.34
CA VAL C 158 5.18 -33.97 5.68
C VAL C 158 4.66 -32.53 5.78
N ALA C 159 5.06 -31.65 4.87
CA ALA C 159 4.48 -30.31 4.79
C ALA C 159 2.95 -30.31 4.89
N LYS C 160 2.29 -31.13 4.09
CA LYS C 160 0.83 -31.15 3.99
C LYS C 160 0.26 -31.63 5.36
N LYS C 161 0.98 -32.48 6.06
CA LYS C 161 0.50 -32.99 7.34
C LYS C 161 0.45 -31.84 8.38
N PHE C 162 1.45 -30.94 8.37
CA PHE C 162 1.48 -29.83 9.28
C PHE C 162 0.55 -28.74 8.88
N LEU C 163 0.42 -28.48 7.58
CA LEU C 163 -0.59 -27.55 7.06
C LEU C 163 -2.04 -27.96 7.41
N ASP C 164 -2.39 -29.21 7.19
CA ASP C 164 -3.64 -29.78 7.59
C ASP C 164 -3.88 -29.70 9.07
N ALA C 165 -2.79 -29.73 9.84
CA ALA C 165 -2.85 -29.49 11.30
C ALA C 165 -3.10 -28.03 11.81
N GLY C 166 -3.17 -27.07 10.87
CA GLY C 166 -3.47 -25.66 11.14
C GLY C 166 -2.22 -24.80 11.30
N HIS C 167 -1.01 -25.31 11.02
CA HIS C 167 0.16 -24.49 11.15
C HIS C 167 0.47 -23.71 9.87
N LYS C 168 1.33 -22.70 10.00
CA LYS C 168 1.56 -21.84 8.83
C LYS C 168 3.04 -21.70 8.56
N LEU C 169 3.41 -22.08 7.34
CA LEU C 169 4.81 -22.07 6.87
C LEU C 169 4.77 -22.34 5.38
N ASN C 170 5.66 -21.69 4.63
CA ASN C 170 5.89 -21.96 3.20
C ASN C 170 7.03 -22.95 2.99
N PHE C 171 6.94 -23.72 1.90
CA PHE C 171 7.92 -24.82 1.57
C PHE C 171 8.34 -24.62 0.14
N ALA C 172 9.54 -25.11 -0.17
CA ALA C 172 10.06 -25.16 -1.55
C ALA C 172 11.15 -26.18 -1.57
N VAL C 173 11.47 -26.68 -2.79
CA VAL C 173 12.60 -27.56 -2.95
C VAL C 173 13.56 -26.72 -3.84
N ALA C 174 14.88 -26.89 -3.66
CA ALA C 174 15.83 -26.05 -4.39
C ALA C 174 17.08 -26.87 -4.66
N SER C 175 17.68 -26.65 -5.82
CA SER C 175 18.90 -27.33 -6.12
C SER C 175 20.01 -26.96 -5.10
N ARG C 176 20.66 -27.96 -4.52
CA ARG C 176 21.77 -27.76 -3.53
C ARG C 176 22.99 -27.18 -4.21
N LYS C 177 23.01 -27.40 -5.51
CA LYS C 177 24.04 -26.94 -6.43
C LYS C 177 23.89 -25.46 -6.69
N THR C 178 22.73 -25.10 -7.27
CA THR C 178 22.45 -23.73 -7.75
C THR C 178 22.54 -22.74 -6.59
N PHE C 179 22.07 -23.18 -5.43
CA PHE C 179 21.95 -22.35 -4.22
C PHE C 179 23.04 -22.57 -3.14
N SER C 180 24.22 -22.98 -3.61
CA SER C 180 25.47 -23.01 -2.82
C SER C 180 25.64 -21.88 -1.81
N HIS C 181 25.60 -20.63 -2.31
CA HIS C 181 25.71 -19.40 -1.49
C HIS C 181 24.75 -19.34 -0.31
N GLU C 182 23.47 -19.63 -0.59
CA GLU C 182 22.40 -19.70 0.41
C GLU C 182 22.84 -20.57 1.59
N LEU C 183 23.36 -21.75 1.23
CA LEU C 183 23.65 -22.81 2.19
C LEU C 183 24.64 -22.36 3.26
N SER C 184 25.58 -21.49 2.91
CA SER C 184 26.56 -21.07 3.90
C SER C 184 25.91 -20.23 5.04
N ASP C 185 24.78 -19.56 4.76
CA ASP C 185 23.98 -18.84 5.77
C ASP C 185 23.49 -19.76 6.89
N PHE C 186 23.44 -21.06 6.60
CA PHE C 186 22.89 -22.11 7.47
C PHE C 186 24.01 -23.02 8.01
N GLY C 187 25.26 -22.67 7.74
CA GLY C 187 26.36 -23.55 8.10
C GLY C 187 26.31 -24.88 7.35
N LEU C 188 25.42 -24.97 6.36
CA LEU C 188 25.37 -26.15 5.50
C LEU C 188 26.41 -26.02 4.40
N GLU C 189 26.78 -27.12 3.73
CA GLU C 189 27.72 -27.02 2.60
C GLU C 189 27.08 -27.67 1.39
N SER C 190 27.60 -27.32 0.22
CA SER C 190 27.08 -27.86 -1.03
C SER C 190 27.79 -29.18 -1.32
N THR C 191 27.02 -30.19 -1.69
CA THR C 191 27.55 -31.44 -2.23
C THR C 191 26.62 -31.93 -3.40
N ALA C 192 27.06 -32.97 -4.09
CA ALA C 192 26.21 -33.57 -5.14
C ALA C 192 25.40 -34.76 -4.59
N GLY C 193 25.38 -34.87 -3.26
CA GLY C 193 24.52 -35.84 -2.55
C GLY C 193 23.06 -35.78 -2.85
N GLU C 194 22.43 -36.94 -2.85
CA GLU C 194 21.01 -36.98 -3.15
C GLU C 194 20.17 -36.72 -1.92
N ILE C 195 20.69 -36.96 -0.73
CA ILE C 195 19.85 -36.83 0.49
C ILE C 195 19.72 -35.33 0.82
N PRO C 196 18.46 -34.84 0.88
CA PRO C 196 18.25 -33.40 1.09
C PRO C 196 18.72 -32.90 2.43
N VAL C 197 19.18 -31.65 2.43
CA VAL C 197 19.38 -30.98 3.72
C VAL C 197 18.27 -29.91 3.83
N VAL C 198 18.00 -29.43 5.05
CA VAL C 198 16.80 -28.60 5.29
C VAL C 198 17.09 -27.45 6.27
N ALA C 199 16.60 -26.26 5.91
CA ALA C 199 16.79 -25.10 6.75
C ALA C 199 15.53 -24.22 6.64
N ILE C 200 15.15 -23.55 7.75
CA ILE C 200 13.98 -22.60 7.76
C ILE C 200 14.53 -21.22 8.01
N ARG C 201 14.02 -20.22 7.30
CA ARG C 201 14.39 -18.84 7.51
C ARG C 201 13.07 -18.12 7.73
N THR C 202 12.92 -17.49 8.88
CA THR C 202 11.68 -16.77 9.14
C THR C 202 11.72 -15.45 8.39
N ALA C 203 10.55 -14.86 8.18
CA ALA C 203 10.40 -13.48 7.70
C ALA C 203 11.28 -12.47 8.46
N LYS C 204 11.44 -12.67 9.78
CA LYS C 204 12.37 -11.82 10.57
C LYS C 204 13.85 -12.24 10.62
N GLY C 205 14.22 -13.20 9.77
CA GLY C 205 15.62 -13.49 9.51
C GLY C 205 16.29 -14.50 10.42
N GLU C 206 15.49 -15.22 11.23
CA GLU C 206 16.08 -16.28 12.02
C GLU C 206 16.02 -17.61 11.33
N LYS C 207 17.04 -18.39 11.58
CA LYS C 207 17.34 -19.59 10.84
C LYS C 207 17.31 -20.76 11.80
N PHE C 208 16.68 -21.84 11.35
CA PHE C 208 16.61 -23.10 12.05
C PHE C 208 17.09 -24.16 11.04
N VAL C 209 18.09 -24.92 11.42
CA VAL C 209 18.75 -25.87 10.53
C VAL C 209 18.53 -27.30 11.08
N MSE C 210 18.04 -28.19 10.22
CA MSE C 210 17.72 -29.52 10.64
C MSE C 210 19.01 -30.26 10.95
O MSE C 210 19.94 -30.22 10.16
CB MSE C 210 16.89 -30.24 9.56
CG MSE C 210 16.51 -31.65 10.00
SE MSE C 210 15.34 -32.53 8.67
CE MSE C 210 16.74 -33.11 7.45
N GLN C 211 19.04 -30.95 12.06
CA GLN C 211 20.32 -31.59 12.54
C GLN C 211 20.46 -33.03 12.08
N GLU C 212 19.32 -33.73 12.01
CA GLU C 212 19.33 -35.16 11.67
C GLU C 212 19.42 -35.30 10.20
N GLU C 213 20.03 -36.40 9.76
CA GLU C 213 19.98 -36.80 8.38
C GLU C 213 18.51 -36.89 7.95
N PHE C 214 18.22 -36.43 6.75
CA PHE C 214 16.88 -36.56 6.20
C PHE C 214 16.59 -38.07 5.89
N SER C 215 15.70 -38.71 6.66
CA SER C 215 15.32 -40.11 6.49
C SER C 215 14.26 -40.22 5.38
N ARG C 216 14.33 -41.32 4.61
CA ARG C 216 13.50 -41.52 3.41
C ARG C 216 11.98 -41.61 3.83
N ASP C 217 11.73 -41.98 5.09
CA ASP C 217 10.37 -42.08 5.65
C ASP C 217 9.77 -40.74 6.12
N GLY C 218 10.51 -39.67 5.94
CA GLY C 218 10.14 -38.31 6.36
C GLY C 218 10.05 -38.08 7.86
N LYS C 219 10.34 -39.06 8.67
CA LYS C 219 10.26 -38.84 10.14
C LYS C 219 11.24 -37.85 10.73
N ALA C 220 12.44 -37.69 10.16
CA ALA C 220 13.39 -36.66 10.66
C ALA C 220 12.80 -35.26 10.44
N LEU C 221 12.28 -35.04 9.24
CA LEU C 221 11.61 -33.84 8.89
C LEU C 221 10.41 -33.55 9.75
N GLU C 222 9.54 -34.54 9.92
CA GLU C 222 8.49 -34.42 10.86
C GLU C 222 8.91 -33.92 12.27
N ARG C 223 9.95 -34.49 12.88
CA ARG C 223 10.39 -34.02 14.21
C ARG C 223 10.90 -32.56 14.16
N PHE C 224 11.68 -32.24 13.15
CA PHE C 224 12.21 -30.86 12.96
C PHE C 224 11.04 -29.85 12.94
N LEU C 225 9.99 -30.15 12.18
CA LEU C 225 8.88 -29.28 12.00
C LEU C 225 8.08 -29.14 13.26
N GLN C 226 7.90 -30.23 14.00
CA GLN C 226 7.13 -30.16 15.24
C GLN C 226 7.88 -29.30 16.26
N ASP C 227 9.19 -29.51 16.39
CA ASP C 227 10.03 -28.62 17.19
C ASP C 227 9.99 -27.17 16.74
N TYR C 228 10.04 -26.93 15.43
CA TYR C 228 9.93 -25.59 14.92
C TYR C 228 8.62 -24.93 15.42
N PHE C 229 7.44 -25.52 15.15
CA PHE C 229 6.19 -24.92 15.55
C PHE C 229 5.99 -24.86 17.06
N ASP C 230 6.63 -25.78 17.78
CA ASP C 230 6.56 -25.77 19.26
C ASP C 230 7.48 -24.73 19.89
N GLY C 231 8.36 -24.15 19.09
CA GLY C 231 9.33 -23.20 19.63
C GLY C 231 10.43 -23.93 20.39
N ASN C 232 10.75 -25.14 19.96
CA ASN C 232 11.71 -25.99 20.63
C ASN C 232 13.05 -26.17 19.93
N LEU C 233 13.32 -25.33 18.94
CA LEU C 233 14.62 -25.36 18.25
C LEU C 233 15.46 -24.13 18.64
N LYS C 234 16.72 -24.40 18.92
CA LYS C 234 17.73 -23.35 19.10
C LYS C 234 17.97 -22.81 17.71
N ARG C 235 18.01 -21.48 17.58
CA ARG C 235 18.24 -20.84 16.29
C ARG C 235 19.73 -20.96 15.93
N TYR C 236 20.04 -21.06 14.64
CA TYR C 236 21.40 -21.19 14.19
C TYR C 236 22.14 -19.84 14.25
N LEU C 237 23.41 -19.89 14.70
CA LEU C 237 24.32 -18.74 14.81
C LEU C 237 25.45 -18.78 13.75
#